data_4FES
#
_entry.id   4FES
#
_cell.length_a   51.655
_cell.length_b   65.773
_cell.length_c   83.028
_cell.angle_alpha   96.730
_cell.angle_beta   99.620
_cell.angle_gamma   96.400
#
_symmetry.space_group_name_H-M   'P 1'
#
loop_
_entity.id
_entity.type
_entity.pdbx_description
1 polymer 'Protein KES1'
2 non-polymer (3S,8S,9S,10R,13S,14S,17R)-3-hydroxy-10,13-dimethyl-17-[(2S,6S)-6-methyl-3-oxooctan-2-yl]-1,2,3,4,7,8,9,10,11,12,13,14,15,17-tetradecahydro-16H-cyclopenta[a]phenanthren-16-one
3 water water
#
_entity_poly.entity_id   1
_entity_poly.type   'polypeptide(L)'
_entity_poly.pdbx_seq_one_letter_code
;MDPSQYASSSSWTSFLKSIASFNGDLSSLSAPPFILSPISLTEFSQYWAEHPELFLEPSFINDDNYKEHCLIDPEVESPE
LARMLAVTKWFISTLKSQYCSRNESLGSEKKPLNPFLGELFVGKWENKEHPEFGETVLLSEQVSHHPPVTAFSIFNDKNK
VKLQGYNQIKASFTKSLMLTVKQFGHTMLDIKDESYLVTPPPLHIEGILVASPFVELEGKSYIQSSTGLLCVIEFSGRGY
FSGKKNSFKARIYKDSKDSKDKEKALYTISGQWSGSSKIIKANKKEESRLFYDAARIPAEHLNVKPLEEQHPLESRKAWY
DVAGAIKLGDFNLIAKTKTELEETQRELRKEEEAKGISWQRRWFKDFDYSVTPEEGALVPEKDDTFLKLASALNLSTKNA
PSGTLVGDKEDRKEDLSSIHWRFQRELWDEEKEIVL
;
_entity_poly.pdbx_strand_id   A,B
#
# COMPACT_ATOMS: atom_id res chain seq x y z
N MET A 1 -12.01 12.92 -14.11
CA MET A 1 -10.71 13.32 -14.78
C MET A 1 -9.39 12.63 -14.32
N ASP A 2 -8.39 12.58 -15.19
CA ASP A 2 -7.05 12.13 -14.81
C ASP A 2 -6.41 13.15 -13.88
N PRO A 3 -5.72 12.71 -12.77
CA PRO A 3 -5.05 13.65 -11.88
C PRO A 3 -4.18 14.74 -12.55
N SER A 4 -3.63 14.41 -13.72
CA SER A 4 -2.81 15.38 -14.44
C SER A 4 -3.68 16.53 -14.99
N GLN A 5 -5.00 16.35 -15.11
CA GLN A 5 -5.87 17.48 -15.49
C GLN A 5 -6.30 18.35 -14.27
N TYR A 6 -6.07 17.88 -13.03
CA TYR A 6 -6.65 18.52 -11.82
C TYR A 6 -6.27 19.99 -11.70
N ALA A 7 -4.99 20.27 -11.91
CA ALA A 7 -4.45 21.53 -11.45
C ALA A 7 -5.01 22.70 -12.29
N SER A 8 -5.19 22.50 -13.57
CA SER A 8 -5.72 23.55 -14.43
C SER A 8 -7.25 23.48 -14.72
N SER A 9 -7.97 22.61 -14.04
CA SER A 9 -9.41 22.48 -14.26
C SER A 9 -10.13 23.74 -13.76
N SER A 10 -11.34 23.99 -14.27
CA SER A 10 -12.14 25.11 -13.76
C SER A 10 -12.37 24.89 -12.24
N SER A 11 -12.73 23.67 -11.86
CA SER A 11 -12.99 23.42 -10.44
C SER A 11 -11.82 23.83 -9.60
N TRP A 12 -10.62 23.41 -9.99
CA TRP A 12 -9.43 23.74 -9.16
C TRP A 12 -9.17 25.21 -9.06
N THR A 13 -9.20 25.91 -10.19
CA THR A 13 -8.94 27.34 -10.13
C THR A 13 -9.97 28.03 -9.27
N SER A 14 -11.23 27.61 -9.39
CA SER A 14 -12.30 28.20 -8.58
C SER A 14 -12.04 27.98 -7.11
N PHE A 15 -11.65 26.75 -6.77
CA PHE A 15 -11.28 26.44 -5.37
C PHE A 15 -10.09 27.27 -4.90
N LEU A 16 -9.07 27.41 -5.72
CA LEU A 16 -7.93 28.19 -5.25
C LEU A 16 -8.30 29.61 -4.93
N LYS A 17 -9.12 30.24 -5.77
CA LYS A 17 -9.57 31.62 -5.52
C LYS A 17 -10.38 31.77 -4.25
N SER A 18 -11.24 30.78 -3.99
CA SER A 18 -12.02 30.74 -2.78
C SER A 18 -11.14 30.74 -1.52
N ILE A 19 -9.93 30.17 -1.61
CA ILE A 19 -9.01 30.23 -0.45
C ILE A 19 -8.54 31.65 -0.10
N ALA A 20 -8.39 32.50 -1.11
CA ALA A 20 -8.05 33.91 -0.93
C ALA A 20 -8.97 34.53 0.12
N SER A 21 -10.25 34.20 0.07
CA SER A 21 -11.18 34.67 1.04
C SER A 21 -11.43 33.60 2.13
N PHE A 22 -10.40 32.84 2.52
CA PHE A 22 -10.54 31.77 3.55
C PHE A 22 -10.96 32.30 4.92
N ASN A 23 -12.11 31.87 5.45
CA ASN A 23 -12.58 32.36 6.77
C ASN A 23 -11.82 31.86 8.02
N GLY A 24 -10.83 30.97 7.83
CA GLY A 24 -10.13 30.38 8.96
C GLY A 24 -10.83 29.11 9.42
N ASP A 25 -12.05 28.89 8.96
CA ASP A 25 -12.72 27.59 9.19
C ASP A 25 -12.61 26.62 7.99
N LEU A 26 -11.77 25.60 8.15
CA LEU A 26 -11.48 24.61 7.08
C LEU A 26 -12.71 23.85 6.58
N SER A 27 -13.60 23.55 7.53
CA SER A 27 -14.90 23.02 7.20
C SER A 27 -15.44 23.72 5.97
N SER A 28 -15.37 25.06 5.92
CA SER A 28 -15.95 25.85 4.83
C SER A 28 -15.34 25.58 3.44
N LEU A 29 -14.02 25.37 3.35
CA LEU A 29 -13.35 25.19 2.05
C LEU A 29 -14.22 24.41 1.10
N SER A 30 -14.64 25.01 0.00
CA SER A 30 -15.52 24.25 -0.88
C SER A 30 -14.66 23.50 -1.91
N ALA A 31 -14.20 22.35 -1.43
CA ALA A 31 -13.26 21.56 -2.17
C ALA A 31 -14.01 20.73 -3.20
N PRO A 32 -13.50 20.67 -4.44
CA PRO A 32 -14.09 19.79 -5.44
C PRO A 32 -14.04 18.31 -5.03
N PRO A 33 -14.99 17.49 -5.52
CA PRO A 33 -15.13 16.06 -5.22
C PRO A 33 -13.88 15.27 -5.48
N PHE A 34 -13.11 15.56 -6.51
CA PHE A 34 -11.92 14.76 -6.70
C PHE A 34 -10.83 14.90 -5.62
N ILE A 35 -10.90 15.91 -4.73
CA ILE A 35 -9.90 16.10 -3.71
C ILE A 35 -10.51 15.77 -2.30
N LEU A 36 -11.71 15.18 -2.30
CA LEU A 36 -12.35 14.83 -1.08
C LEU A 36 -12.04 13.40 -0.72
N SER A 37 -11.68 13.17 0.55
CA SER A 37 -11.55 11.85 1.08
C SER A 37 -12.88 11.38 1.70
N PRO A 38 -13.22 10.09 1.53
CA PRO A 38 -14.40 9.52 2.21
C PRO A 38 -14.18 8.99 3.65
N ILE A 39 -13.02 9.29 4.29
CA ILE A 39 -12.64 8.94 5.68
C ILE A 39 -12.85 10.19 6.59
N SER A 40 -13.58 9.98 7.67
CA SER A 40 -13.70 10.95 8.74
C SER A 40 -12.45 11.05 9.61
N LEU A 41 -12.21 12.23 10.20
CA LEU A 41 -11.13 12.45 11.11
C LEU A 41 -11.22 11.59 12.38
N THR A 42 -12.39 11.07 12.72
CA THR A 42 -12.44 10.19 13.88
C THR A 42 -11.71 8.90 13.61
N GLU A 43 -11.57 8.47 12.35
CA GLU A 43 -10.82 7.27 12.12
C GLU A 43 -9.30 7.46 12.37
N PHE A 44 -8.80 8.72 12.32
CA PHE A 44 -7.34 8.94 12.33
C PHE A 44 -6.67 8.48 13.61
N SER A 45 -7.48 8.36 14.68
CA SER A 45 -7.07 7.75 15.93
C SER A 45 -6.36 6.37 15.78
N GLN A 46 -6.76 5.61 14.77
CA GLN A 46 -6.16 4.27 14.55
C GLN A 46 -4.68 4.29 14.22
N TYR A 47 -4.22 5.39 13.66
CA TYR A 47 -2.83 5.52 13.28
C TYR A 47 -1.83 5.50 14.45
N TRP A 48 -2.31 5.55 15.70
CA TRP A 48 -1.40 5.37 16.87
C TRP A 48 -0.88 3.96 17.12
N ALA A 49 -1.43 2.94 16.44
CA ALA A 49 -1.15 1.54 16.85
C ALA A 49 -1.20 0.46 15.76
N GLU A 50 -0.90 0.88 14.53
CA GLU A 50 -0.89 -0.02 13.33
C GLU A 50 0.28 -0.98 13.19
N HIS A 51 1.17 -0.96 14.22
CA HIS A 51 2.19 -1.98 14.40
C HIS A 51 2.05 -2.52 15.81
N PRO A 52 1.10 -3.48 16.03
CA PRO A 52 0.75 -4.04 17.33
C PRO A 52 1.95 -4.50 18.17
N GLU A 53 2.90 -5.16 17.52
CA GLU A 53 4.15 -5.62 18.13
C GLU A 53 4.99 -4.45 18.64
N LEU A 54 5.02 -3.34 17.92
CA LEU A 54 5.81 -2.19 18.42
C LEU A 54 5.09 -1.44 19.57
N PHE A 55 3.77 -1.27 19.46
CA PHE A 55 2.92 -0.76 20.53
C PHE A 55 3.15 -1.54 21.84
N LEU A 56 3.33 -2.86 21.75
CA LEU A 56 3.26 -3.66 22.99
C LEU A 56 4.61 -4.02 23.49
N GLU A 57 5.67 -3.75 22.68
CA GLU A 57 7.00 -4.27 23.02
C GLU A 57 7.51 -3.78 24.37
N PRO A 58 7.25 -2.49 24.75
CA PRO A 58 7.73 -2.03 26.07
C PRO A 58 7.27 -2.81 27.30
N SER A 59 6.09 -3.40 27.21
CA SER A 59 5.49 -4.17 28.31
C SER A 59 6.16 -5.52 28.56
N PHE A 60 6.98 -5.97 27.60
CA PHE A 60 7.65 -7.24 27.65
C PHE A 60 9.07 -7.05 28.14
N ILE A 61 9.51 -5.81 28.23
CA ILE A 61 10.86 -5.51 28.73
C ILE A 61 10.88 -5.39 30.27
N ASN A 62 11.72 -6.19 30.99
CA ASN A 62 11.76 -6.13 32.47
C ASN A 62 13.21 -6.25 33.04
N ASP A 63 13.40 -6.02 34.35
CA ASP A 63 14.75 -6.22 34.95
C ASP A 63 15.50 -7.53 34.56
N ASP A 64 14.75 -8.55 34.16
CA ASP A 64 15.30 -9.90 34.01
C ASP A 64 15.48 -10.25 32.57
N ASN A 65 15.12 -9.34 31.63
CA ASN A 65 15.36 -9.65 30.22
C ASN A 65 15.82 -8.47 29.35
N TYR A 66 16.02 -7.27 29.92
CA TYR A 66 15.98 -6.13 29.04
C TYR A 66 17.07 -6.09 28.00
N LYS A 67 18.17 -6.81 28.21
CA LYS A 67 19.30 -6.74 27.35
C LYS A 67 18.99 -7.60 26.12
N GLU A 68 17.99 -8.44 26.26
CA GLU A 68 17.51 -9.29 25.19
C GLU A 68 16.37 -8.60 24.43
N HIS A 69 15.93 -7.39 24.86
CA HIS A 69 14.87 -6.62 24.13
C HIS A 69 15.40 -5.28 23.74
N CYS A 70 16.58 -5.26 23.11
CA CYS A 70 17.18 -4.00 22.70
C CYS A 70 18.12 -4.34 21.57
N LEU A 71 17.51 -4.50 20.40
CA LEU A 71 18.18 -4.99 19.21
C LEU A 71 19.33 -4.12 18.76
N ILE A 72 19.19 -2.81 18.87
CA ILE A 72 20.31 -1.97 18.49
C ILE A 72 21.33 -1.72 19.59
N ASP A 73 21.13 -2.24 20.79
CA ASP A 73 22.19 -2.11 21.82
C ASP A 73 21.99 -3.22 22.88
N PRO A 74 22.57 -4.41 22.61
CA PRO A 74 22.45 -5.48 23.63
C PRO A 74 23.17 -5.09 24.89
N GLU A 75 23.90 -3.98 24.85
CA GLU A 75 24.55 -3.48 26.05
C GLU A 75 23.92 -2.21 26.63
N VAL A 76 22.64 -2.06 26.38
CA VAL A 76 21.89 -0.88 26.89
C VAL A 76 22.04 -0.84 28.41
N GLU A 77 22.07 0.35 28.97
CA GLU A 77 22.42 0.50 30.38
C GLU A 77 21.34 0.14 31.39
N SER A 78 20.04 0.18 31.02
CA SER A 78 18.96 -0.01 32.00
C SER A 78 17.72 -0.49 31.29
N PRO A 79 16.87 -1.26 31.99
CA PRO A 79 15.54 -1.50 31.45
C PRO A 79 14.76 -0.18 31.14
N GLU A 80 14.97 0.91 31.89
CA GLU A 80 14.26 2.17 31.60
C GLU A 80 14.60 2.76 30.22
N LEU A 81 15.88 2.73 29.95
CA LEU A 81 16.44 3.14 28.66
C LEU A 81 16.03 2.18 27.52
N ALA A 82 15.98 0.87 27.80
CA ALA A 82 15.53 -0.06 26.75
C ALA A 82 14.08 0.22 26.28
N ARG A 83 13.25 0.54 27.28
CA ARG A 83 11.84 0.84 27.09
C ARG A 83 11.73 2.19 26.36
N MET A 84 12.59 3.16 26.68
CA MET A 84 12.54 4.49 26.02
C MET A 84 12.83 4.36 24.53
N LEU A 85 13.77 3.46 24.25
CA LEU A 85 14.13 3.13 22.87
C LEU A 85 12.95 2.49 22.12
N ALA A 86 12.31 1.51 22.74
CA ALA A 86 11.16 0.85 22.12
C ALA A 86 9.99 1.79 21.95
N VAL A 87 9.74 2.74 22.90
CA VAL A 87 8.59 3.58 22.77
C VAL A 87 8.90 4.54 21.64
N THR A 88 10.17 5.00 21.57
CA THR A 88 10.59 5.86 20.47
C THR A 88 10.41 5.14 19.17
N LYS A 89 10.81 3.85 19.09
CA LYS A 89 10.63 3.17 17.73
C LYS A 89 9.11 3.10 17.44
N TRP A 90 8.32 2.84 18.47
CA TRP A 90 6.88 2.79 18.18
C TRP A 90 6.34 4.13 17.62
N PHE A 91 6.80 5.21 18.25
CA PHE A 91 6.28 6.52 17.91
C PHE A 91 6.72 6.81 16.52
N ILE A 92 7.99 6.66 16.22
CA ILE A 92 8.38 6.77 14.77
C ILE A 92 7.53 5.91 13.85
N SER A 93 7.17 4.69 14.28
CA SER A 93 6.43 3.79 13.35
C SER A 93 4.98 4.32 13.05
N THR A 94 4.45 5.25 13.87
CA THR A 94 3.13 5.76 13.67
C THR A 94 3.10 6.79 12.57
N LEU A 95 4.25 7.43 12.29
CA LEU A 95 4.18 8.64 11.48
C LEU A 95 3.78 8.36 10.03
N LYS A 96 4.33 7.29 9.47
CA LYS A 96 3.86 6.89 8.20
C LYS A 96 2.33 6.67 8.14
N SER A 97 1.76 5.92 9.07
CA SER A 97 0.29 5.82 9.14
C SER A 97 -0.46 7.16 9.18
N GLN A 98 -0.01 8.01 10.12
CA GLN A 98 -0.67 9.25 10.41
C GLN A 98 -0.59 10.18 9.21
N TYR A 99 0.60 10.25 8.61
CA TYR A 99 0.83 11.33 7.65
C TYR A 99 0.93 10.95 6.14
N CYS A 100 0.92 9.66 5.87
CA CYS A 100 1.01 9.15 4.52
C CYS A 100 -0.09 8.25 4.04
N SER A 101 -1.07 7.84 4.86
CA SER A 101 -1.94 6.75 4.36
C SER A 101 -2.83 7.17 3.18
N ARG A 102 -3.37 8.38 3.25
CA ARG A 102 -4.20 8.88 2.08
C ARG A 102 -3.37 8.92 0.79
N ASN A 103 -2.05 9.24 0.84
CA ASN A 103 -1.27 9.26 -0.40
C ASN A 103 -1.27 7.90 -1.07
N GLU A 104 -1.11 6.85 -0.28
CA GLU A 104 -0.98 5.52 -0.85
C GLU A 104 -2.37 5.03 -1.21
N SER A 105 -3.38 5.25 -0.39
CA SER A 105 -4.69 4.75 -0.82
C SER A 105 -5.54 5.55 -1.81
N LEU A 106 -5.34 6.87 -1.89
CA LEU A 106 -6.22 7.73 -2.69
C LEU A 106 -5.41 8.46 -3.75
N GLY A 107 -4.09 8.44 -3.58
CA GLY A 107 -3.12 8.98 -4.55
C GLY A 107 -2.63 10.36 -4.20
N SER A 108 -3.08 10.88 -3.05
CA SER A 108 -2.63 12.13 -2.56
C SER A 108 -3.31 12.38 -1.22
N GLU A 109 -2.79 13.33 -0.44
CA GLU A 109 -3.55 13.74 0.75
C GLU A 109 -4.90 14.36 0.24
N LYS A 110 -6.03 14.11 0.90
CA LYS A 110 -7.29 14.65 0.40
C LYS A 110 -8.03 15.29 1.58
N LYS A 111 -9.12 15.99 1.36
CA LYS A 111 -9.73 16.72 2.53
C LYS A 111 -10.70 15.76 3.24
N PRO A 112 -10.43 15.42 4.52
CA PRO A 112 -11.19 14.37 5.22
C PRO A 112 -12.57 14.86 5.60
N LEU A 113 -13.52 13.95 5.88
CA LEU A 113 -14.83 14.33 6.39
C LEU A 113 -14.71 15.01 7.75
N ASN A 114 -15.41 16.13 7.92
CA ASN A 114 -15.42 16.90 9.20
C ASN A 114 -16.39 16.17 10.16
N PRO A 115 -15.91 15.56 11.25
CA PRO A 115 -16.82 14.65 11.98
C PRO A 115 -18.04 15.34 12.68
N PHE A 116 -19.19 14.67 12.75
CA PHE A 116 -20.25 15.23 13.58
C PHE A 116 -19.97 15.10 15.07
N LEU A 117 -20.59 15.96 15.91
CA LEU A 117 -20.43 15.80 17.33
C LEU A 117 -21.03 14.47 17.81
N GLY A 118 -20.33 13.83 18.74
CA GLY A 118 -20.76 12.52 19.25
C GLY A 118 -20.38 11.36 18.30
N GLU A 119 -19.74 11.62 17.17
CA GLU A 119 -19.42 10.49 16.22
C GLU A 119 -18.44 9.53 16.91
N LEU A 120 -18.60 8.23 16.68
CA LEU A 120 -17.78 7.23 17.38
C LEU A 120 -17.06 6.36 16.35
N PHE A 121 -15.83 5.88 16.65
CA PHE A 121 -15.17 4.91 15.73
C PHE A 121 -14.38 3.98 16.59
N VAL A 122 -14.73 2.68 16.51
CA VAL A 122 -14.25 1.66 17.39
C VAL A 122 -13.88 0.45 16.57
N GLY A 123 -12.96 -0.36 17.09
CA GLY A 123 -12.53 -1.58 16.42
C GLY A 123 -11.48 -2.18 17.36
N LYS A 124 -10.71 -3.19 16.92
CA LYS A 124 -9.75 -3.88 17.76
C LYS A 124 -8.75 -4.53 16.87
N TRP A 125 -7.52 -4.63 17.35
CA TRP A 125 -6.66 -5.55 16.71
C TRP A 125 -6.66 -6.77 17.59
N GLU A 126 -7.08 -7.88 17.01
CA GLU A 126 -7.31 -9.08 17.86
C GLU A 126 -6.01 -9.83 18.08
N ASN A 127 -5.02 -9.55 17.24
CA ASN A 127 -3.68 -10.10 17.45
C ASN A 127 -3.77 -11.63 17.46
N LYS A 128 -4.64 -12.21 16.62
CA LYS A 128 -4.80 -13.68 16.55
C LYS A 128 -3.44 -14.43 16.33
N GLU A 129 -2.51 -13.87 15.53
CA GLU A 129 -1.27 -14.59 15.22
C GLU A 129 -0.29 -14.59 16.43
N HIS A 130 -0.66 -13.92 17.54
CA HIS A 130 0.22 -13.80 18.72
C HIS A 130 -0.57 -13.79 20.00
N PRO A 131 -0.82 -14.99 20.56
CA PRO A 131 -1.63 -15.17 21.76
C PRO A 131 -1.18 -14.30 22.94
N GLU A 132 0.14 -14.07 23.06
CA GLU A 132 0.67 -13.35 24.24
C GLU A 132 0.30 -11.85 24.16
N PHE A 133 -0.08 -11.38 22.96
CA PHE A 133 -0.50 -9.97 22.76
C PHE A 133 -1.83 -9.64 23.43
N GLY A 134 -2.84 -10.48 23.14
CA GLY A 134 -4.23 -10.23 23.53
C GLY A 134 -4.84 -9.19 22.56
N GLU A 135 -6.14 -8.90 22.69
CA GLU A 135 -6.84 -7.89 21.85
C GLU A 135 -6.40 -6.48 22.30
N THR A 136 -6.21 -5.58 21.34
CA THR A 136 -5.96 -4.17 21.64
C THR A 136 -7.17 -3.40 21.05
N VAL A 137 -7.81 -2.59 21.92
CA VAL A 137 -9.09 -1.93 21.66
C VAL A 137 -8.83 -0.51 21.27
N LEU A 138 -9.46 -0.08 20.19
CA LEU A 138 -9.51 1.36 19.92
C LEU A 138 -10.94 1.89 20.11
N LEU A 139 -11.01 2.97 20.88
CA LEU A 139 -12.14 3.87 21.02
C LEU A 139 -11.78 5.29 20.58
N SER A 140 -12.57 5.85 19.66
CA SER A 140 -12.36 7.21 19.17
C SER A 140 -13.71 7.91 19.20
N GLU A 141 -13.74 9.11 19.78
CA GLU A 141 -14.98 9.89 19.94
C GLU A 141 -14.83 11.37 19.47
N GLN A 142 -15.83 11.87 18.74
CA GLN A 142 -15.76 13.24 18.40
C GLN A 142 -16.29 14.14 19.53
N VAL A 143 -15.41 14.60 20.42
CA VAL A 143 -15.86 15.38 21.64
C VAL A 143 -16.19 16.81 21.39
N SER A 144 -15.70 17.39 20.30
CA SER A 144 -16.15 18.77 19.95
C SER A 144 -16.27 18.85 18.41
N HIS A 145 -17.16 19.73 17.91
CA HIS A 145 -17.32 20.01 16.52
C HIS A 145 -17.00 21.47 16.22
N HIS A 146 -17.30 22.35 17.17
CA HIS A 146 -17.00 23.78 17.05
C HIS A 146 -16.05 24.15 18.15
N PRO A 147 -14.71 23.99 17.94
CA PRO A 147 -13.94 23.51 16.81
C PRO A 147 -13.85 21.98 16.85
N PRO A 148 -13.34 21.36 15.77
CA PRO A 148 -13.27 19.91 15.84
C PRO A 148 -12.21 19.36 16.78
N VAL A 149 -12.60 18.40 17.62
CA VAL A 149 -11.67 17.77 18.53
C VAL A 149 -11.97 16.30 18.52
N THR A 150 -10.93 15.52 18.28
CA THR A 150 -11.04 14.08 18.44
C THR A 150 -10.24 13.61 19.67
N ALA A 151 -10.90 12.82 20.53
CA ALA A 151 -10.24 12.10 21.64
C ALA A 151 -10.27 10.55 21.42
N PHE A 152 -9.35 9.83 22.04
CA PHE A 152 -9.17 8.44 21.71
C PHE A 152 -8.42 7.73 22.85
N SER A 153 -8.57 6.43 22.91
CA SER A 153 -7.84 5.64 23.85
C SER A 153 -7.56 4.33 23.06
N ILE A 154 -6.34 3.78 23.20
CA ILE A 154 -6.04 2.45 22.67
C ILE A 154 -5.51 1.69 23.87
N PHE A 155 -6.05 0.54 24.24
CA PHE A 155 -5.58 -0.14 25.46
C PHE A 155 -5.51 -1.65 25.25
N ASN A 156 -4.59 -2.28 25.93
CA ASN A 156 -4.40 -3.70 25.84
C ASN A 156 -4.44 -4.12 27.31
N ASP A 157 -5.59 -4.61 27.74
CA ASP A 157 -5.71 -5.06 29.15
C ASP A 157 -4.78 -6.23 29.49
N LYS A 158 -4.53 -7.12 28.54
CA LYS A 158 -3.68 -8.25 28.84
C LYS A 158 -2.30 -7.79 29.31
N ASN A 159 -1.71 -6.82 28.60
CA ASN A 159 -0.35 -6.45 28.92
C ASN A 159 -0.24 -5.16 29.69
N LYS A 160 -1.39 -4.62 30.10
CA LYS A 160 -1.44 -3.35 30.83
C LYS A 160 -0.73 -2.21 30.03
N VAL A 161 -0.94 -2.20 28.72
CA VAL A 161 -0.50 -1.09 27.85
C VAL A 161 -1.71 -0.27 27.48
N LYS A 162 -1.69 1.00 27.86
CA LYS A 162 -2.81 1.85 27.52
C LYS A 162 -2.39 3.25 27.04
N LEU A 163 -3.11 3.73 26.05
CA LEU A 163 -2.88 5.01 25.43
C LEU A 163 -4.16 5.85 25.48
N GLN A 164 -4.01 7.12 25.86
CA GLN A 164 -5.08 8.09 25.69
C GLN A 164 -4.58 9.40 25.09
N GLY A 165 -5.45 10.09 24.34
CA GLY A 165 -5.04 11.39 23.81
C GLY A 165 -6.17 12.16 23.14
N TYR A 166 -5.88 13.36 22.65
CA TYR A 166 -6.90 14.01 21.89
C TYR A 166 -6.19 14.93 20.97
N ASN A 167 -6.91 15.43 19.98
CA ASN A 167 -6.26 16.23 18.96
C ASN A 167 -7.16 17.29 18.44
N GLN A 168 -6.56 18.43 18.10
CA GLN A 168 -7.26 19.44 17.40
C GLN A 168 -6.25 20.29 16.65
N ILE A 169 -6.67 21.05 15.63
CA ILE A 169 -5.70 21.92 14.92
C ILE A 169 -6.06 23.39 14.83
N LYS A 170 -5.10 24.21 14.42
CA LYS A 170 -5.42 25.48 13.76
C LYS A 170 -4.54 25.62 12.52
N ALA A 171 -5.09 26.18 11.44
CA ALA A 171 -4.41 26.17 10.13
C ALA A 171 -4.52 27.54 9.45
N SER A 172 -3.52 27.97 8.72
CA SER A 172 -3.79 29.09 7.80
C SER A 172 -2.94 28.98 6.59
N PHE A 173 -3.37 29.65 5.54
CA PHE A 173 -2.68 29.57 4.28
C PHE A 173 -1.67 30.68 4.19
N THR A 174 -0.62 30.48 3.41
CA THR A 174 0.28 31.58 3.08
C THR A 174 -0.11 32.01 1.69
N LYS A 175 0.71 32.90 1.11
CA LYS A 175 0.52 33.40 -0.25
C LYS A 175 0.68 32.31 -1.31
N SER A 176 1.58 31.37 -1.16
CA SER A 176 1.69 30.35 -2.26
C SER A 176 0.74 29.19 -2.07
N LEU A 177 -0.12 29.33 -1.05
CA LEU A 177 -1.15 28.33 -0.69
C LEU A 177 -0.57 27.09 0.01
N MET A 178 0.59 27.25 0.59
CA MET A 178 1.04 26.32 1.61
C MET A 178 0.04 26.46 2.78
N LEU A 179 -0.30 25.33 3.42
CA LEU A 179 -1.17 25.39 4.55
C LEU A 179 -0.37 25.03 5.79
N THR A 180 -0.19 26.01 6.69
CA THR A 180 0.58 25.84 7.92
C THR A 180 -0.40 25.28 8.93
N VAL A 181 -0.04 24.19 9.61
CA VAL A 181 -0.96 23.50 10.54
C VAL A 181 -0.27 23.37 11.93
N LYS A 182 -0.89 23.88 12.99
CA LYS A 182 -0.38 23.69 14.31
C LYS A 182 -1.32 22.68 14.97
N GLN A 183 -0.78 21.58 15.50
CA GLN A 183 -1.54 20.62 16.30
C GLN A 183 -1.63 21.11 17.77
N PHE A 184 -2.71 20.75 18.45
CA PHE A 184 -2.94 21.04 19.84
C PHE A 184 -3.37 19.68 20.41
N GLY A 185 -3.01 19.45 21.65
CA GLY A 185 -3.33 18.23 22.33
C GLY A 185 -2.04 17.45 22.56
N HIS A 186 -2.23 16.27 23.17
CA HIS A 186 -1.17 15.36 23.60
C HIS A 186 -1.80 14.03 23.88
N THR A 187 -0.90 13.04 24.03
CA THR A 187 -1.21 11.66 24.17
C THR A 187 -0.32 11.12 25.27
N MET A 188 -0.89 10.29 26.14
CA MET A 188 -0.13 9.65 27.26
C MET A 188 -0.13 8.18 27.06
N LEU A 189 1.02 7.54 27.24
CA LEU A 189 1.14 6.09 27.08
C LEU A 189 1.61 5.49 28.40
N ASP A 190 0.83 4.56 28.96
CA ASP A 190 1.25 3.84 30.22
C ASP A 190 1.56 2.40 29.88
N ILE A 191 2.77 1.97 30.28
CA ILE A 191 3.28 0.64 30.16
C ILE A 191 3.43 0.17 31.61
N LYS A 192 2.47 -0.65 32.02
CA LYS A 192 2.30 -1.01 33.38
C LYS A 192 2.35 0.28 34.20
N ASP A 193 3.26 0.40 35.17
CA ASP A 193 3.31 1.61 36.01
C ASP A 193 4.15 2.76 35.44
N GLU A 194 4.78 2.57 34.29
CA GLU A 194 5.69 3.60 33.75
C GLU A 194 4.89 4.42 32.71
N SER A 195 4.99 5.74 32.73
CA SER A 195 4.24 6.57 31.78
C SER A 195 5.10 7.36 30.79
N TYR A 196 4.52 7.80 29.64
CA TYR A 196 5.23 8.52 28.61
C TYR A 196 4.26 9.55 28.10
N LEU A 197 4.73 10.80 27.94
CA LEU A 197 3.90 11.91 27.44
C LEU A 197 4.41 12.25 26.08
N VAL A 198 3.51 12.25 25.10
CA VAL A 198 3.94 12.46 23.74
C VAL A 198 3.26 13.71 23.15
N THR A 199 4.04 14.56 22.47
CA THR A 199 3.46 15.72 21.81
C THR A 199 3.62 15.63 20.32
N PRO A 200 2.51 15.80 19.57
CA PRO A 200 2.58 15.75 18.12
C PRO A 200 3.13 17.07 17.59
N PRO A 201 3.71 17.02 16.40
CA PRO A 201 4.53 18.12 15.79
C PRO A 201 3.69 19.08 14.92
N PRO A 202 4.21 20.25 14.57
CA PRO A 202 3.45 21.05 13.67
C PRO A 202 3.77 20.52 12.27
N LEU A 203 3.02 20.97 11.26
CA LEU A 203 3.21 20.40 9.88
C LEU A 203 2.81 21.40 8.83
N HIS A 204 3.04 21.12 7.55
CA HIS A 204 2.54 22.02 6.54
C HIS A 204 2.07 21.19 5.38
N ILE A 205 1.03 21.63 4.66
CA ILE A 205 0.53 20.85 3.52
C ILE A 205 1.06 21.54 2.28
N GLU A 206 1.74 20.77 1.44
CA GLU A 206 2.46 21.31 0.31
C GLU A 206 1.59 20.81 -0.83
N GLY A 207 1.80 21.35 -2.02
CA GLY A 207 1.24 20.89 -3.27
C GLY A 207 -0.23 21.18 -3.57
N ILE A 208 -0.84 22.08 -2.81
CA ILE A 208 -2.20 22.53 -2.99
C ILE A 208 -2.31 23.23 -4.37
N LEU A 209 -1.36 24.12 -4.65
CA LEU A 209 -1.36 24.87 -5.91
C LEU A 209 -1.48 23.86 -7.05
N VAL A 210 -0.73 22.75 -6.98
CA VAL A 210 -0.68 21.78 -8.11
C VAL A 210 -1.74 20.70 -7.98
N ALA A 211 -2.68 20.93 -7.07
CA ALA A 211 -3.65 19.90 -6.83
C ALA A 211 -3.07 18.47 -6.54
N SER A 212 -1.92 18.37 -5.85
CA SER A 212 -1.45 17.09 -5.35
C SER A 212 -0.91 17.28 -3.92
N PRO A 213 -1.81 17.36 -2.94
CA PRO A 213 -1.39 17.82 -1.61
C PRO A 213 -0.60 16.71 -0.86
N PHE A 214 0.30 17.10 0.02
CA PHE A 214 0.98 16.13 0.86
C PHE A 214 1.41 16.85 2.09
N VAL A 215 1.57 16.07 3.17
CA VAL A 215 2.07 16.54 4.46
C VAL A 215 3.61 16.46 4.57
N GLU A 216 4.21 17.46 5.21
CA GLU A 216 5.57 17.33 5.65
C GLU A 216 5.54 17.89 7.04
N LEU A 217 6.34 17.26 7.90
CA LEU A 217 6.39 17.57 9.25
C LEU A 217 7.51 18.60 9.47
N GLU A 218 7.32 19.46 10.47
CA GLU A 218 8.39 20.40 10.89
C GLU A 218 8.47 20.38 12.44
N GLY A 219 9.27 21.28 13.01
CA GLY A 219 9.31 21.55 14.47
C GLY A 219 9.79 20.27 15.18
N LYS A 220 9.24 20.05 16.38
CA LYS A 220 9.71 19.03 17.34
C LYS A 220 8.52 18.30 17.88
N SER A 221 8.73 17.05 18.26
CA SER A 221 7.83 16.24 19.12
C SER A 221 8.71 15.86 20.32
N TYR A 222 8.13 15.65 21.48
CA TYR A 222 8.81 15.15 22.65
C TYR A 222 8.17 13.84 23.08
N ILE A 223 8.95 13.04 23.80
CA ILE A 223 8.48 11.87 24.53
C ILE A 223 9.16 11.96 25.93
N GLN A 224 8.39 12.32 26.94
CA GLN A 224 8.95 12.47 28.26
C GLN A 224 8.42 11.37 29.10
N SER A 225 9.33 10.65 29.75
CA SER A 225 8.96 9.54 30.54
C SER A 225 8.99 9.87 31.99
N SER A 226 8.19 9.09 32.75
CA SER A 226 8.12 9.16 34.21
C SER A 226 9.48 8.70 34.71
N THR A 227 10.25 7.96 33.92
CA THR A 227 11.63 7.60 34.37
C THR A 227 12.61 8.79 34.39
N GLY A 228 12.16 9.96 33.92
CA GLY A 228 13.07 11.08 33.69
C GLY A 228 13.65 11.15 32.27
N LEU A 229 13.76 10.03 31.56
CA LEU A 229 14.34 10.03 30.24
C LEU A 229 13.48 10.89 29.30
N LEU A 230 14.12 11.55 28.32
CA LEU A 230 13.39 12.35 27.37
C LEU A 230 13.94 12.10 26.00
N CYS A 231 13.04 11.98 25.04
CA CYS A 231 13.38 11.93 23.62
C CYS A 231 12.84 13.19 22.99
N VAL A 232 13.73 13.91 22.29
CA VAL A 232 13.37 15.12 21.47
C VAL A 232 13.54 14.75 19.98
N ILE A 233 12.44 14.81 19.22
CA ILE A 233 12.50 14.41 17.82
C ILE A 233 12.28 15.61 16.95
N GLU A 234 13.23 15.91 16.08
CA GLU A 234 13.10 17.11 15.22
C GLU A 234 12.87 16.71 13.81
N PHE A 235 11.89 17.35 13.16
CA PHE A 235 11.54 16.97 11.79
C PHE A 235 12.07 18.00 10.77
N SER A 236 12.43 17.53 9.58
CA SER A 236 12.71 18.53 8.57
C SER A 236 12.49 18.01 7.16
N GLY A 237 12.33 18.96 6.24
CA GLY A 237 12.07 18.60 4.87
C GLY A 237 13.28 18.88 4.00
N ARG A 238 14.48 18.91 4.57
CA ARG A 238 15.69 19.18 3.78
C ARG A 238 15.82 18.21 2.61
N GLY A 239 16.31 18.68 1.45
CA GLY A 239 16.62 17.75 0.35
C GLY A 239 15.43 17.45 -0.56
N TYR A 240 14.35 18.24 -0.44
CA TYR A 240 13.27 18.16 -1.42
C TYR A 240 14.07 18.40 -2.72
N PHE A 241 13.59 18.04 -3.88
CA PHE A 241 14.41 18.43 -5.10
C PHE A 241 15.42 17.35 -5.41
N SER A 242 16.09 16.82 -4.37
CA SER A 242 16.91 15.60 -4.47
C SER A 242 16.07 14.36 -4.17
N GLY A 243 14.76 14.56 -3.99
CA GLY A 243 13.86 13.45 -3.71
C GLY A 243 13.90 12.90 -2.29
N LYS A 244 14.43 13.68 -1.33
CA LYS A 244 14.42 13.37 0.11
C LYS A 244 13.26 14.11 0.79
N LYS A 245 12.80 13.53 1.90
CA LYS A 245 11.56 13.93 2.52
C LYS A 245 11.43 13.19 3.86
N ASN A 246 10.64 13.77 4.76
CA ASN A 246 10.19 13.06 5.94
C ASN A 246 11.40 12.63 6.74
N SER A 247 12.31 13.57 6.95
CA SER A 247 13.51 13.34 7.73
C SER A 247 13.29 13.71 9.17
N PHE A 248 14.10 13.10 10.03
CA PHE A 248 14.08 13.48 11.42
C PHE A 248 15.42 13.15 12.04
N LYS A 249 15.64 13.75 13.19
CA LYS A 249 16.70 13.32 14.05
C LYS A 249 16.09 13.22 15.45
N ALA A 250 16.22 12.08 16.13
CA ALA A 250 15.63 11.98 17.48
C ALA A 250 16.81 11.82 18.46
N ARG A 251 16.86 12.60 19.53
CA ARG A 251 17.91 12.38 20.58
C ARG A 251 17.30 12.11 21.93
N ILE A 252 17.82 11.07 22.58
CA ILE A 252 17.34 10.65 23.88
C ILE A 252 18.29 11.13 24.99
N TYR A 253 17.77 11.81 26.00
CA TYR A 253 18.60 12.39 27.07
C TYR A 253 18.29 11.74 28.42
N LYS A 254 19.26 11.80 29.34
CA LYS A 254 19.05 11.34 30.70
C LYS A 254 17.92 12.13 31.28
N ASP A 255 17.85 13.42 31.01
CA ASP A 255 16.73 14.20 31.55
C ASP A 255 16.58 15.49 30.77
N SER A 256 15.52 16.25 31.06
CA SER A 256 15.25 17.46 30.24
C SER A 256 16.36 18.51 30.35
N LYS A 257 17.03 18.55 31.50
CA LYS A 257 18.22 19.39 31.68
C LYS A 257 19.30 19.09 30.63
N ASP A 258 19.75 17.83 30.54
CA ASP A 258 20.75 17.49 29.52
C ASP A 258 20.28 17.83 28.13
N SER A 259 18.97 17.90 27.93
CA SER A 259 18.46 18.06 26.58
C SER A 259 18.80 19.45 25.99
N LYS A 260 19.15 20.42 26.84
CA LYS A 260 19.49 21.78 26.38
C LYS A 260 20.90 21.78 25.78
N ASP A 261 21.57 20.62 25.82
CA ASP A 261 22.88 20.45 25.19
C ASP A 261 22.96 19.15 24.38
N LYS A 262 22.97 19.30 23.06
CA LYS A 262 23.00 18.20 22.09
C LYS A 262 24.10 17.16 22.30
N GLU A 263 25.26 17.57 22.84
CA GLU A 263 26.42 16.69 22.99
C GLU A 263 26.26 15.68 24.12
N LYS A 264 25.22 15.85 24.91
CA LYS A 264 24.88 14.94 26.00
C LYS A 264 23.88 13.83 25.61
N ALA A 265 23.54 13.70 24.32
CA ALA A 265 22.57 12.71 23.88
C ALA A 265 23.10 11.30 24.14
N LEU A 266 22.32 10.41 24.74
CA LEU A 266 22.79 9.06 24.86
C LEU A 266 22.76 8.33 23.51
N TYR A 267 21.77 8.67 22.68
CA TYR A 267 21.67 8.08 21.37
C TYR A 267 21.16 9.14 20.44
N THR A 268 21.54 9.01 19.19
CA THR A 268 21.05 9.85 18.14
C THR A 268 20.57 9.00 16.95
N ILE A 269 19.32 9.23 16.54
CA ILE A 269 18.63 8.42 15.55
C ILE A 269 18.38 9.40 14.41
N SER A 270 18.60 8.99 13.14
CA SER A 270 18.34 9.91 12.02
C SER A 270 18.00 9.15 10.78
N GLY A 271 17.18 9.76 9.94
CA GLY A 271 16.76 9.12 8.75
C GLY A 271 15.39 9.62 8.32
N GLN A 272 14.69 8.75 7.66
CA GLN A 272 13.40 9.04 7.17
C GLN A 272 12.34 8.18 7.91
N TRP A 273 11.40 8.88 8.54
CA TRP A 273 10.29 8.19 9.29
C TRP A 273 9.40 7.43 8.41
N SER A 274 9.39 7.73 7.10
CA SER A 274 8.58 6.93 6.18
C SER A 274 9.45 5.92 5.44
N GLY A 275 10.73 5.87 5.79
CA GLY A 275 11.66 4.85 5.22
C GLY A 275 12.61 4.35 6.29
N SER A 276 13.90 4.57 6.14
CA SER A 276 14.79 3.98 7.17
C SER A 276 15.61 4.98 8.00
N SER A 277 16.00 4.53 9.17
CA SER A 277 16.76 5.34 10.05
C SER A 277 17.78 4.51 10.80
N LYS A 278 18.85 5.18 11.22
CA LYS A 278 19.97 4.54 11.94
C LYS A 278 20.13 5.17 13.28
N ILE A 279 20.75 4.40 14.19
CA ILE A 279 21.01 4.97 15.48
C ILE A 279 22.52 4.90 15.79
N ILE A 280 23.02 5.88 16.53
CA ILE A 280 24.39 5.90 16.95
C ILE A 280 24.37 6.09 18.43
N LYS A 281 25.13 5.28 19.17
CA LYS A 281 25.21 5.39 20.63
C LYS A 281 26.26 6.47 21.01
N ALA A 282 25.96 7.33 21.98
CA ALA A 282 26.75 8.53 22.36
C ALA A 282 27.98 8.91 21.54
N GLU A 287 30.05 4.92 14.01
CA GLU A 287 29.31 3.73 13.53
C GLU A 287 27.87 3.40 14.07
N SER A 288 27.09 2.76 13.25
CA SER A 288 25.65 2.91 13.36
C SER A 288 24.86 1.64 13.02
N ARG A 289 23.66 1.55 13.57
CA ARG A 289 22.86 0.36 13.37
C ARG A 289 21.47 0.81 12.92
N LEU A 290 20.83 -0.04 12.11
CA LEU A 290 19.46 0.16 11.59
C LEU A 290 18.50 0.21 12.73
N PHE A 291 17.77 1.30 12.85
CA PHE A 291 16.85 1.48 14.00
C PHE A 291 15.43 1.06 13.61
N TYR A 292 14.95 1.62 12.48
CA TYR A 292 13.57 1.32 11.96
C TYR A 292 13.54 1.46 10.46
N ASP A 293 12.85 0.56 9.81
CA ASP A 293 12.72 0.60 8.35
C ASP A 293 11.23 0.43 8.01
N ALA A 294 10.61 1.57 7.73
CA ALA A 294 9.14 1.54 7.54
C ALA A 294 8.75 0.68 6.32
N ALA A 295 9.64 0.50 5.34
CA ALA A 295 9.27 -0.41 4.21
C ALA A 295 9.19 -1.91 4.55
N ARG A 296 9.85 -2.36 5.63
CA ARG A 296 10.01 -3.80 5.91
C ARG A 296 8.86 -4.36 6.68
N ILE A 297 8.04 -3.52 7.31
CA ILE A 297 6.90 -3.94 8.14
C ILE A 297 5.54 -3.32 7.70
N PRO A 298 4.67 -4.11 7.05
CA PRO A 298 3.50 -3.38 6.59
C PRO A 298 2.65 -2.97 7.79
N ALA A 299 1.85 -1.94 7.60
CA ALA A 299 0.80 -1.59 8.58
C ALA A 299 -0.23 -2.72 8.73
N GLU A 300 -0.72 -2.92 9.94
CA GLU A 300 -1.89 -3.77 10.17
C GLU A 300 -3.13 -2.97 10.62
N HIS A 301 -4.21 -3.02 9.87
CA HIS A 301 -5.39 -2.21 10.14
C HIS A 301 -6.29 -2.91 11.10
N LEU A 302 -6.97 -2.16 11.96
CA LEU A 302 -7.73 -2.82 13.02
C LEU A 302 -8.94 -3.50 12.39
N ASN A 303 -9.48 -4.47 13.10
CA ASN A 303 -10.76 -5.06 12.74
C ASN A 303 -11.92 -4.10 13.09
N VAL A 304 -12.76 -3.80 12.11
CA VAL A 304 -13.97 -3.01 12.30
C VAL A 304 -15.09 -3.95 11.88
N LYS A 305 -16.12 -4.03 12.73
CA LYS A 305 -17.30 -4.85 12.43
C LYS A 305 -17.95 -4.43 11.07
N PRO A 306 -18.67 -5.36 10.41
CA PRO A 306 -19.38 -5.05 9.14
C PRO A 306 -20.30 -3.83 9.27
N LEU A 307 -20.43 -3.03 8.20
CA LEU A 307 -21.35 -1.90 8.16
C LEU A 307 -22.79 -2.22 8.64
N GLU A 308 -23.32 -3.35 8.18
CA GLU A 308 -24.68 -3.81 8.53
C GLU A 308 -24.81 -4.01 10.05
N GLU A 309 -23.71 -4.23 10.75
CA GLU A 309 -23.79 -4.38 12.18
C GLU A 309 -23.47 -3.12 12.98
N GLN A 310 -23.13 -2.01 12.32
CA GLN A 310 -22.70 -0.84 13.08
C GLN A 310 -23.85 0.00 13.66
N HIS A 311 -23.64 0.56 14.83
CA HIS A 311 -24.59 1.48 15.37
C HIS A 311 -24.60 2.78 14.55
N PRO A 312 -25.78 3.48 14.45
CA PRO A 312 -25.73 4.65 13.55
C PRO A 312 -24.87 5.82 14.05
N LEU A 313 -24.32 5.77 15.26
CA LEU A 313 -23.31 6.78 15.69
C LEU A 313 -21.90 6.50 15.14
N GLU A 314 -21.68 5.27 14.70
CA GLU A 314 -20.41 4.84 14.16
C GLU A 314 -20.08 5.45 12.80
N SER A 315 -18.93 6.09 12.75
CA SER A 315 -18.45 6.79 11.57
C SER A 315 -18.77 6.18 10.21
N ARG A 316 -18.35 4.96 9.98
CA ARG A 316 -18.51 4.46 8.60
C ARG A 316 -19.97 4.28 8.17
N LYS A 317 -20.76 3.76 9.08
CA LYS A 317 -22.20 3.61 8.88
C LYS A 317 -22.80 4.98 8.74
N ALA A 318 -22.50 5.86 9.70
CA ALA A 318 -23.03 7.21 9.62
C ALA A 318 -22.65 7.98 8.31
N TRP A 319 -21.42 7.82 7.82
CA TRP A 319 -20.98 8.59 6.65
C TRP A 319 -21.22 7.89 5.32
N TYR A 320 -21.85 6.72 5.38
CA TYR A 320 -21.94 5.80 4.27
C TYR A 320 -22.52 6.39 2.97
N ASP A 321 -23.65 7.05 3.06
CA ASP A 321 -24.18 7.57 1.79
C ASP A 321 -23.26 8.66 1.23
N VAL A 322 -22.71 9.47 2.14
CA VAL A 322 -21.81 10.60 1.75
C VAL A 322 -20.55 10.12 1.05
N ALA A 323 -19.88 9.15 1.66
CA ALA A 323 -18.79 8.38 1.05
C ALA A 323 -19.06 7.85 -0.35
N GLY A 324 -20.26 7.30 -0.54
CA GLY A 324 -20.66 6.69 -1.86
C GLY A 324 -20.82 7.74 -2.97
N ALA A 325 -21.28 8.90 -2.56
CA ALA A 325 -21.43 10.03 -3.42
C ALA A 325 -20.06 10.66 -3.80
N ILE A 326 -19.14 10.70 -2.84
CA ILE A 326 -17.80 11.20 -3.06
C ILE A 326 -17.18 10.21 -4.04
N LYS A 327 -17.27 8.90 -3.78
CA LYS A 327 -16.65 7.90 -4.65
C LYS A 327 -17.10 8.05 -6.09
N LEU A 328 -18.33 8.55 -6.26
CA LEU A 328 -18.98 8.69 -7.57
C LEU A 328 -18.72 10.05 -8.18
N GLY A 329 -18.14 10.94 -7.38
CA GLY A 329 -17.76 12.25 -7.87
C GLY A 329 -18.97 13.11 -8.17
N ASP A 330 -20.09 12.89 -7.50
CA ASP A 330 -21.34 13.60 -7.80
C ASP A 330 -21.55 14.81 -6.86
N PHE A 331 -21.32 16.06 -7.29
CA PHE A 331 -21.42 17.25 -6.39
C PHE A 331 -22.83 17.29 -5.78
N ASN A 332 -23.80 16.96 -6.61
CA ASN A 332 -25.21 17.05 -6.24
C ASN A 332 -25.59 16.20 -5.06
N LEU A 333 -25.40 14.91 -5.27
CA LEU A 333 -25.62 13.90 -4.27
C LEU A 333 -24.71 14.03 -3.03
N ILE A 334 -23.53 14.66 -3.14
CA ILE A 334 -22.68 14.88 -1.93
C ILE A 334 -23.36 15.95 -1.08
N ALA A 335 -23.87 16.98 -1.74
CA ALA A 335 -24.55 18.06 -1.02
C ALA A 335 -25.84 17.51 -0.39
N LYS A 336 -26.53 16.62 -1.09
CA LYS A 336 -27.80 16.09 -0.58
C LYS A 336 -27.57 15.16 0.65
N THR A 337 -26.77 14.11 0.43
CA THR A 337 -26.44 13.16 1.51
C THR A 337 -25.91 13.87 2.79
N LYS A 338 -25.07 14.87 2.64
CA LYS A 338 -24.61 15.63 3.80
C LYS A 338 -25.74 16.27 4.61
N THR A 339 -26.73 16.82 3.91
CA THR A 339 -27.84 17.52 4.54
C THR A 339 -28.69 16.45 5.23
N GLU A 340 -28.90 15.33 4.55
CA GLU A 340 -29.53 14.17 5.17
C GLU A 340 -28.82 13.68 6.44
N LEU A 341 -27.48 13.53 6.41
CA LEU A 341 -26.74 13.08 7.62
C LEU A 341 -26.99 14.05 8.79
N GLU A 342 -27.02 15.35 8.52
CA GLU A 342 -27.31 16.29 9.61
C GLU A 342 -28.69 16.00 10.28
N GLU A 343 -29.72 15.74 9.47
CA GLU A 343 -31.09 15.44 9.98
C GLU A 343 -31.10 14.13 10.75
N THR A 344 -30.47 13.09 10.21
CA THR A 344 -30.30 11.84 10.92
C THR A 344 -29.70 12.03 12.32
N GLN A 345 -28.55 12.69 12.38
CA GLN A 345 -27.87 12.88 13.65
C GLN A 345 -28.70 13.71 14.62
N ARG A 346 -29.34 14.74 14.11
CA ARG A 346 -30.21 15.56 14.97
C ARG A 346 -31.31 14.66 15.59
N GLU A 347 -31.90 13.77 14.79
CA GLU A 347 -32.97 12.90 15.29
C GLU A 347 -32.36 11.85 16.25
N LEU A 348 -31.27 11.20 15.80
CA LEU A 348 -30.56 10.24 16.67
C LEU A 348 -30.22 10.77 18.06
N ARG A 349 -29.71 12.02 18.14
CA ARG A 349 -29.40 12.62 19.45
C ARG A 349 -30.63 12.74 20.35
N LYS A 350 -31.75 13.15 19.74
CA LYS A 350 -33.05 13.18 20.39
C LYS A 350 -33.43 11.82 21.01
N GLU A 351 -33.26 10.72 20.26
CA GLU A 351 -33.55 9.34 20.76
C GLU A 351 -32.59 8.93 21.87
N GLU A 352 -31.30 9.27 21.72
CA GLU A 352 -30.30 8.95 22.69
C GLU A 352 -30.71 9.63 23.99
N GLU A 353 -31.02 10.93 23.92
CA GLU A 353 -31.45 11.68 25.11
C GLU A 353 -32.78 11.10 25.68
N ALA A 354 -33.73 10.74 24.81
CA ALA A 354 -34.97 10.11 25.26
C ALA A 354 -34.74 8.82 26.06
N LYS A 355 -33.73 8.01 25.72
CA LYS A 355 -33.41 6.80 26.46
C LYS A 355 -32.51 7.09 27.62
N GLY A 356 -32.23 8.35 27.86
CA GLY A 356 -31.34 8.72 28.97
C GLY A 356 -29.90 8.30 28.70
N ILE A 357 -29.52 8.18 27.42
CA ILE A 357 -28.14 7.83 27.11
C ILE A 357 -27.36 9.10 26.87
N SER A 358 -26.25 9.31 27.57
CA SER A 358 -25.46 10.51 27.28
C SER A 358 -24.61 10.27 25.97
N TRP A 359 -24.79 11.13 24.98
CA TRP A 359 -24.06 10.93 23.72
C TRP A 359 -22.96 11.96 23.62
N GLN A 360 -23.04 12.99 24.45
CA GLN A 360 -22.06 14.09 24.33
C GLN A 360 -20.73 13.80 24.92
N ARG A 361 -20.69 13.48 26.19
CA ARG A 361 -19.32 13.28 26.71
C ARG A 361 -19.20 11.81 27.04
N ARG A 362 -19.23 11.02 25.96
CA ARG A 362 -19.56 9.64 26.05
C ARG A 362 -18.56 8.87 26.82
N TRP A 363 -17.31 8.96 26.42
CA TRP A 363 -16.27 8.19 27.09
C TRP A 363 -15.14 9.06 27.52
N PHE A 364 -15.18 10.34 27.15
CA PHE A 364 -14.17 11.25 27.61
C PHE A 364 -14.77 12.45 28.38
N LYS A 365 -14.03 13.01 29.33
CA LYS A 365 -14.45 14.23 30.04
C LYS A 365 -13.42 15.34 29.89
N ASP A 366 -13.88 16.59 29.88
CA ASP A 366 -12.97 17.71 29.83
C ASP A 366 -12.60 18.16 31.23
N PHE A 367 -11.32 18.05 31.57
CA PHE A 367 -10.75 18.48 32.84
C PHE A 367 -10.12 19.86 32.72
N ASP A 368 -10.36 20.67 33.73
CA ASP A 368 -9.85 22.03 33.76
C ASP A 368 -8.63 22.04 34.64
N TYR A 369 -7.47 22.32 34.04
CA TYR A 369 -6.19 22.38 34.72
C TYR A 369 -5.82 23.82 35.17
N SER A 370 -6.62 24.82 34.81
CA SER A 370 -6.28 26.23 35.14
C SER A 370 -6.53 26.43 36.63
N VAL A 371 -5.66 27.16 37.35
CA VAL A 371 -5.86 27.43 38.83
C VAL A 371 -7.02 28.36 39.15
N THR A 372 -8.06 28.28 38.32
CA THR A 372 -9.29 29.06 38.41
C THR A 372 -10.43 28.25 37.75
N PRO A 373 -10.61 27.00 38.20
CA PRO A 373 -11.71 26.23 37.66
C PRO A 373 -13.08 26.91 37.86
N GLU A 374 -14.03 26.67 36.97
CA GLU A 374 -15.42 26.97 37.28
C GLU A 374 -15.82 26.10 38.48
N GLU A 375 -16.70 26.64 39.33
CA GLU A 375 -17.09 26.11 40.65
C GLU A 375 -17.05 24.55 40.79
N GLY A 376 -17.87 23.87 39.98
CA GLY A 376 -17.89 22.41 40.01
C GLY A 376 -17.29 21.74 38.77
N ALA A 377 -16.42 22.44 38.06
CA ALA A 377 -15.65 21.78 36.96
C ALA A 377 -14.91 20.52 37.42
N LEU A 378 -14.76 19.57 36.50
CA LEU A 378 -13.81 18.44 36.66
C LEU A 378 -12.35 18.94 36.74
N VAL A 379 -11.62 18.56 37.78
CA VAL A 379 -10.21 19.04 38.00
C VAL A 379 -9.30 17.82 38.23
N PRO A 380 -8.00 17.91 37.91
CA PRO A 380 -7.16 16.70 37.96
C PRO A 380 -6.87 16.27 39.39
N GLU A 381 -6.78 14.96 39.65
CA GLU A 381 -6.37 14.46 40.95
C GLU A 381 -4.93 14.92 41.16
N LYS A 382 -4.42 14.75 42.40
CA LYS A 382 -3.13 15.41 42.85
C LYS A 382 -1.84 14.88 42.19
N ASP A 383 -1.75 13.57 42.04
CA ASP A 383 -0.57 12.94 41.39
C ASP A 383 -0.86 12.67 39.90
N ASP A 384 -1.70 13.51 39.28
CA ASP A 384 -2.06 13.37 37.88
C ASP A 384 -0.79 13.12 37.03
N THR A 385 -0.79 12.09 36.16
CA THR A 385 0.36 11.84 35.23
C THR A 385 0.73 13.02 34.39
N PHE A 386 -0.29 13.67 33.86
CA PHE A 386 0.00 14.73 32.94
C PHE A 386 0.79 15.82 33.65
N LEU A 387 0.35 16.25 34.85
CA LEU A 387 1.06 17.32 35.56
C LEU A 387 2.48 16.93 35.85
N LYS A 388 2.68 15.72 36.33
CA LYS A 388 4.04 15.36 36.67
C LYS A 388 4.96 15.22 35.44
N LEU A 389 4.42 14.76 34.32
CA LEU A 389 5.31 14.69 33.14
C LEU A 389 5.50 16.04 32.43
N ALA A 390 4.44 16.83 32.34
CA ALA A 390 4.58 18.23 31.90
C ALA A 390 5.64 19.03 32.73
N SER A 391 5.68 18.75 34.02
CA SER A 391 6.63 19.46 34.89
C SER A 391 8.05 18.96 34.59
N ALA A 392 8.27 17.63 34.54
CA ALA A 392 9.63 17.17 34.15
C ALA A 392 10.11 17.80 32.85
N LEU A 393 9.24 17.94 31.88
CA LEU A 393 9.65 18.48 30.59
C LEU A 393 9.64 20.03 30.50
N ASN A 394 9.09 20.66 31.54
CA ASN A 394 8.78 22.11 31.55
C ASN A 394 7.79 22.45 30.44
N LEU A 395 6.84 21.54 30.24
CA LEU A 395 5.77 21.72 29.26
C LEU A 395 4.67 22.64 29.80
N SER A 396 4.22 23.59 29.00
CA SER A 396 3.05 24.40 29.40
C SER A 396 1.81 23.50 29.51
N THR A 397 0.98 23.78 30.50
CA THR A 397 -0.18 22.98 30.77
C THR A 397 -1.41 23.63 30.16
N LYS A 398 -1.22 24.66 29.34
CA LYS A 398 -2.38 25.42 28.77
C LYS A 398 -2.78 24.88 27.39
N ASN A 399 -3.86 25.40 26.84
CA ASN A 399 -4.25 25.07 25.48
C ASN A 399 -3.44 25.83 24.44
N ALA A 400 -2.13 25.77 24.59
CA ALA A 400 -1.20 26.21 23.55
C ALA A 400 -0.95 25.05 22.55
N PRO A 401 -0.31 25.34 21.39
CA PRO A 401 0.04 24.31 20.42
C PRO A 401 0.88 23.20 21.11
N SER A 402 0.70 21.96 20.68
CA SER A 402 1.42 20.85 21.23
C SER A 402 2.90 21.16 21.31
N GLY A 403 3.53 20.85 22.45
CA GLY A 403 4.96 21.10 22.57
C GLY A 403 5.42 22.45 23.12
N THR A 404 4.48 23.38 23.27
CA THR A 404 4.81 24.68 23.91
C THR A 404 5.43 24.53 25.30
N LEU A 405 6.59 25.13 25.52
CA LEU A 405 7.21 25.10 26.84
C LEU A 405 6.75 26.29 27.70
N VAL A 406 6.85 26.16 29.01
CA VAL A 406 6.61 27.28 29.94
C VAL A 406 7.41 28.53 29.55
N GLY A 407 6.74 29.68 29.46
CA GLY A 407 7.40 30.94 29.03
C GLY A 407 7.65 31.12 27.55
N ASP A 408 7.37 30.12 26.72
CA ASP A 408 7.33 30.38 25.28
C ASP A 408 6.27 31.47 25.04
N LYS A 409 6.39 32.15 23.91
CA LYS A 409 5.47 33.20 23.53
C LYS A 409 3.98 32.74 23.60
N GLU A 410 3.68 31.65 22.89
CA GLU A 410 2.38 30.96 22.98
C GLU A 410 1.87 30.63 24.39
N ASP A 411 2.75 30.38 25.36
CA ASP A 411 2.35 30.16 26.74
C ASP A 411 1.98 31.51 27.48
N ARG A 412 2.32 32.62 26.85
CA ARG A 412 2.01 33.89 27.45
C ARG A 412 0.66 34.50 27.07
N LYS A 413 0.04 34.03 25.97
CA LYS A 413 -1.18 34.64 25.41
C LYS A 413 -2.32 34.89 26.40
N ASP A 415 -4.90 35.24 28.36
CA ASP A 415 -5.63 34.35 29.27
C ASP A 415 -6.25 33.10 28.57
N LEU A 416 -5.37 32.38 27.89
CA LEU A 416 -5.58 31.03 27.39
C LEU A 416 -6.18 30.03 28.41
N SER A 417 -7.18 29.23 28.00
CA SER A 417 -7.66 28.10 28.88
C SER A 417 -6.63 26.96 29.02
N SER A 418 -7.03 25.90 29.74
CA SER A 418 -6.21 24.73 30.14
C SER A 418 -7.15 23.51 30.26
N ILE A 419 -7.99 23.34 29.27
CA ILE A 419 -8.97 22.26 29.37
C ILE A 419 -8.40 21.09 28.57
N HIS A 420 -8.37 19.88 29.15
CA HIS A 420 -7.82 18.67 28.48
C HIS A 420 -8.75 17.52 28.65
N TRP A 421 -8.86 16.73 27.60
CA TRP A 421 -9.76 15.57 27.58
C TRP A 421 -9.09 14.33 28.14
N ARG A 422 -9.81 13.58 28.98
CA ARG A 422 -9.31 12.37 29.68
C ARG A 422 -10.31 11.24 29.50
N PHE A 423 -9.76 10.07 29.23
CA PHE A 423 -10.58 8.91 28.98
C PHE A 423 -11.13 8.42 30.32
N GLN A 424 -12.36 7.92 30.32
CA GLN A 424 -12.96 7.37 31.56
C GLN A 424 -13.36 5.97 31.30
N ARG A 425 -12.50 5.03 31.72
CA ARG A 425 -12.66 3.62 31.37
C ARG A 425 -13.96 3.05 31.81
N GLU A 426 -14.45 3.54 32.96
CA GLU A 426 -15.68 3.03 33.59
C GLU A 426 -16.79 3.23 32.57
N LEU A 427 -16.73 4.39 31.92
CA LEU A 427 -17.73 4.77 30.92
C LEU A 427 -17.80 3.79 29.73
N TRP A 428 -16.66 3.26 29.33
CA TRP A 428 -16.68 2.19 28.32
C TRP A 428 -17.21 0.89 28.91
N ASP A 429 -16.87 0.59 30.18
CA ASP A 429 -17.29 -0.69 30.81
C ASP A 429 -18.79 -0.69 30.97
N GLU A 430 -19.36 0.48 31.23
CA GLU A 430 -20.77 0.67 31.48
C GLU A 430 -21.44 1.16 30.18
N GLU A 431 -20.70 1.17 29.06
CA GLU A 431 -21.25 1.64 27.79
C GLU A 431 -22.62 0.97 27.50
N LYS A 432 -23.59 1.75 27.07
CA LYS A 432 -24.95 1.26 26.95
C LYS A 432 -25.30 0.59 25.62
N GLU A 433 -24.51 0.80 24.55
CA GLU A 433 -24.97 0.43 23.19
C GLU A 433 -23.92 -0.17 22.25
N ILE A 434 -22.78 0.52 22.26
CA ILE A 434 -21.65 0.26 21.38
C ILE A 434 -20.87 -0.97 21.84
N VAL A 435 -20.59 -1.85 20.91
CA VAL A 435 -19.71 -2.99 21.13
C VAL A 435 -18.67 -3.03 20.02
N LEU A 436 -17.78 -4.01 20.08
CA LEU A 436 -16.75 -4.18 19.06
C LEU A 436 -17.12 -5.37 18.18
N MET B 1 11.17 -13.29 14.52
CA MET B 1 12.41 -12.44 14.50
C MET B 1 12.19 -11.15 13.70
N ASP B 2 12.82 -10.06 14.14
CA ASP B 2 12.76 -8.81 13.40
C ASP B 2 13.57 -8.93 12.10
N PRO B 3 13.10 -8.33 10.97
CA PRO B 3 13.88 -8.29 9.73
C PRO B 3 15.31 -7.87 9.91
N SER B 4 15.61 -7.00 10.88
CA SER B 4 17.01 -6.62 11.14
C SER B 4 17.82 -7.88 11.54
N GLN B 5 17.20 -8.90 12.13
CA GLN B 5 17.99 -10.04 12.51
C GLN B 5 18.12 -11.09 11.39
N TYR B 6 17.47 -10.92 10.24
CA TYR B 6 17.38 -12.03 9.23
C TYR B 6 18.73 -12.45 8.65
N ALA B 7 19.47 -11.44 8.19
CA ALA B 7 20.71 -11.66 7.46
C ALA B 7 21.73 -12.39 8.31
N SER B 8 21.76 -12.20 9.62
CA SER B 8 22.90 -12.85 10.29
C SER B 8 22.41 -14.08 11.02
N SER B 9 21.17 -14.52 10.76
CA SER B 9 20.57 -15.67 11.47
C SER B 9 21.15 -16.97 10.95
N SER B 10 21.12 -18.00 11.81
CA SER B 10 21.59 -19.32 11.44
C SER B 10 20.81 -19.72 10.18
N SER B 11 19.48 -19.61 10.27
CA SER B 11 18.62 -19.89 9.10
C SER B 11 19.10 -19.31 7.84
N TRP B 12 19.35 -18.00 7.89
CA TRP B 12 19.80 -17.37 6.66
C TRP B 12 21.15 -17.85 6.16
N THR B 13 22.12 -18.04 7.05
CA THR B 13 23.43 -18.54 6.64
C THR B 13 23.30 -19.94 5.97
N SER B 14 22.36 -20.77 6.46
CA SER B 14 22.25 -22.14 6.04
C SER B 14 21.57 -22.11 4.72
N PHE B 15 20.68 -21.15 4.55
CA PHE B 15 20.11 -20.97 3.19
C PHE B 15 21.13 -20.44 2.17
N LEU B 16 21.97 -19.48 2.52
CA LEU B 16 22.96 -18.96 1.53
C LEU B 16 23.95 -20.03 1.10
N LYS B 17 24.42 -20.81 2.07
CA LYS B 17 25.24 -21.98 1.77
C LYS B 17 24.61 -22.96 0.82
N SER B 18 23.32 -23.19 0.98
CA SER B 18 22.59 -24.07 0.08
C SER B 18 22.49 -23.54 -1.37
N ILE B 19 22.53 -22.23 -1.57
CA ILE B 19 22.56 -21.71 -2.93
C ILE B 19 23.80 -22.16 -3.68
N ALA B 20 24.94 -22.19 -2.96
CA ALA B 20 26.22 -22.64 -3.51
C ALA B 20 26.07 -23.94 -4.32
N SER B 21 25.29 -24.90 -3.83
CA SER B 21 24.97 -26.07 -4.64
C SER B 21 23.46 -26.17 -5.01
N PHE B 22 23.08 -25.38 -6.01
CA PHE B 22 21.69 -25.26 -6.40
C PHE B 22 21.55 -25.84 -7.78
N ASN B 23 20.47 -26.56 -8.02
CA ASN B 23 20.33 -27.42 -9.22
C ASN B 23 19.68 -26.76 -10.44
N GLY B 24 19.06 -25.61 -10.22
CA GLY B 24 18.37 -24.89 -11.30
C GLY B 24 16.87 -24.93 -11.06
N ASP B 25 16.45 -25.81 -10.14
CA ASP B 25 15.03 -25.93 -9.73
C ASP B 25 14.80 -25.12 -8.43
N LEU B 26 14.12 -23.99 -8.56
CA LEU B 26 13.81 -23.12 -7.44
C LEU B 26 12.91 -23.76 -6.37
N SER B 27 12.21 -24.83 -6.72
CA SER B 27 11.46 -25.57 -5.73
C SER B 27 12.39 -26.27 -4.73
N SER B 28 13.56 -26.68 -5.19
CA SER B 28 14.53 -27.28 -4.29
C SER B 28 15.15 -26.24 -3.33
N LEU B 29 14.65 -25.02 -3.36
CA LEU B 29 15.22 -24.03 -2.49
C LEU B 29 14.64 -24.19 -1.10
N SER B 30 15.57 -24.38 -0.16
CA SER B 30 15.27 -24.62 1.22
C SER B 30 15.17 -23.24 1.93
N ALA B 31 14.18 -22.48 1.49
CA ALA B 31 14.05 -21.12 1.99
C ALA B 31 13.40 -21.15 3.36
N PRO B 32 13.98 -20.44 4.30
CA PRO B 32 13.36 -20.37 5.59
C PRO B 32 11.96 -19.70 5.62
N PRO B 33 11.13 -20.08 6.60
CA PRO B 33 9.76 -19.65 6.51
C PRO B 33 9.60 -18.11 6.49
N PHE B 34 10.48 -17.36 7.10
CA PHE B 34 10.29 -15.91 7.08
C PHE B 34 10.48 -15.31 5.67
N ILE B 35 11.01 -16.06 4.71
CA ILE B 35 11.20 -15.50 3.39
C ILE B 35 10.17 -16.15 2.46
N LEU B 36 9.20 -16.82 3.06
CA LEU B 36 8.23 -17.49 2.20
C LEU B 36 7.04 -16.58 2.03
N SER B 37 6.49 -16.55 0.83
CA SER B 37 5.23 -15.89 0.54
C SER B 37 4.07 -16.83 0.52
N PRO B 38 2.92 -16.40 1.07
CA PRO B 38 1.74 -17.24 1.02
C PRO B 38 0.92 -17.10 -0.25
N ILE B 39 1.51 -16.61 -1.35
CA ILE B 39 0.77 -16.33 -2.60
C ILE B 39 1.33 -17.24 -3.66
N SER B 40 0.47 -17.96 -4.37
CA SER B 40 0.91 -18.81 -5.50
C SER B 40 1.14 -17.98 -6.73
N LEU B 41 1.94 -18.52 -7.67
CA LEU B 41 2.31 -17.82 -8.87
C LEU B 41 1.15 -17.72 -9.87
N THR B 42 0.12 -18.55 -9.72
CA THR B 42 -1.10 -18.35 -10.52
C THR B 42 -1.78 -17.03 -10.29
N GLU B 43 -1.63 -16.43 -9.11
CA GLU B 43 -2.21 -15.12 -8.89
C GLU B 43 -1.50 -13.96 -9.59
N PHE B 44 -0.25 -14.14 -9.98
CA PHE B 44 0.54 -13.05 -10.62
C PHE B 44 -0.05 -12.60 -11.95
N SER B 45 -0.87 -13.45 -12.55
CA SER B 45 -1.63 -13.06 -13.75
C SER B 45 -2.46 -11.76 -13.53
N GLN B 46 -2.94 -11.52 -12.32
CA GLN B 46 -3.84 -10.36 -12.08
C GLN B 46 -3.16 -9.02 -12.28
N TYR B 47 -1.83 -9.02 -12.21
CA TYR B 47 -1.03 -7.83 -12.27
C TYR B 47 -0.99 -7.20 -13.65
N TRP B 48 -1.54 -7.89 -14.65
CA TRP B 48 -1.64 -7.27 -15.97
C TRP B 48 -2.79 -6.28 -16.13
N ALA B 49 -3.65 -6.06 -15.14
CA ALA B 49 -4.87 -5.18 -15.36
C ALA B 49 -5.42 -4.56 -14.11
N GLU B 50 -4.50 -4.22 -13.21
CA GLU B 50 -4.82 -3.52 -11.95
C GLU B 50 -5.13 -2.01 -12.01
N HIS B 51 -5.12 -1.46 -13.22
CA HIS B 51 -5.63 -0.09 -13.54
C HIS B 51 -6.63 -0.23 -14.67
N PRO B 52 -7.87 -0.55 -14.32
CA PRO B 52 -8.90 -0.94 -15.32
C PRO B 52 -9.14 0.17 -16.34
N GLU B 53 -9.07 1.43 -15.91
CA GLU B 53 -9.23 2.63 -16.76
C GLU B 53 -8.11 2.64 -17.82
N LEU B 54 -6.90 2.25 -17.45
CA LEU B 54 -5.81 2.24 -18.43
C LEU B 54 -5.87 1.06 -19.36
N PHE B 55 -6.37 -0.07 -18.85
CA PHE B 55 -6.47 -1.30 -19.63
C PHE B 55 -7.49 -1.03 -20.74
N LEU B 56 -8.49 -0.23 -20.39
CA LEU B 56 -9.62 -0.12 -21.28
C LEU B 56 -9.53 1.11 -22.17
N GLU B 57 -8.71 2.09 -21.79
CA GLU B 57 -8.68 3.43 -22.51
C GLU B 57 -8.57 3.34 -24.04
N PRO B 58 -7.74 2.40 -24.57
CA PRO B 58 -7.54 2.31 -25.99
C PRO B 58 -8.82 1.97 -26.76
N SER B 59 -9.72 1.19 -26.17
CA SER B 59 -11.02 0.89 -26.82
C SER B 59 -11.96 2.11 -27.01
N PHE B 60 -11.74 3.19 -26.29
CA PHE B 60 -12.60 4.35 -26.36
C PHE B 60 -12.03 5.31 -27.35
N ILE B 61 -11.00 4.92 -28.14
CA ILE B 61 -10.29 5.86 -29.05
C ILE B 61 -10.59 5.50 -30.50
N ASN B 62 -11.20 6.42 -31.25
CA ASN B 62 -11.61 6.08 -32.66
C ASN B 62 -11.32 7.30 -33.58
N ASP B 63 -11.55 7.17 -34.88
CA ASP B 63 -11.32 8.29 -35.83
C ASP B 63 -12.00 9.63 -35.47
N ASP B 64 -13.02 9.58 -34.65
CA ASP B 64 -13.85 10.77 -34.43
C ASP B 64 -13.59 11.47 -33.12
N ASN B 65 -12.69 10.91 -32.28
CA ASN B 65 -12.45 11.52 -30.97
C ASN B 65 -10.97 11.49 -30.54
N TYR B 66 -10.10 10.84 -31.35
CA TYR B 66 -8.78 10.45 -30.79
C TYR B 66 -7.96 11.59 -30.20
N LYS B 67 -8.19 12.79 -30.67
CA LYS B 67 -7.43 13.94 -30.24
C LYS B 67 -7.82 14.41 -28.83
N GLU B 68 -9.00 13.99 -28.38
CA GLU B 68 -9.47 14.33 -27.04
C GLU B 68 -9.08 13.16 -26.10
N HIS B 69 -8.47 12.10 -26.64
CA HIS B 69 -7.95 11.04 -25.78
C HIS B 69 -6.44 10.93 -25.86
N CYS B 70 -5.68 12.01 -25.78
CA CYS B 70 -4.26 11.86 -25.80
C CYS B 70 -3.78 13.04 -24.98
N LEU B 71 -3.69 12.84 -23.66
CA LEU B 71 -3.49 13.95 -22.74
C LEU B 71 -2.11 14.64 -22.90
N ILE B 72 -1.05 13.85 -23.06
CA ILE B 72 0.28 14.42 -23.36
C ILE B 72 0.47 15.01 -24.78
N ASP B 73 -0.44 14.74 -25.73
CA ASP B 73 -0.33 15.38 -27.06
C ASP B 73 -1.70 15.57 -27.75
N PRO B 74 -2.40 16.70 -27.47
CA PRO B 74 -3.69 16.85 -28.19
C PRO B 74 -3.56 17.08 -29.69
N GLU B 75 -2.33 17.20 -30.20
CA GLU B 75 -2.11 17.23 -31.67
C GLU B 75 -1.54 15.92 -32.18
N VAL B 76 -1.85 14.82 -31.49
CA VAL B 76 -1.36 13.50 -31.88
C VAL B 76 -1.70 13.27 -33.33
N GLU B 77 -0.75 12.74 -34.07
CA GLU B 77 -0.89 12.56 -35.46
C GLU B 77 -2.04 11.60 -35.93
N SER B 78 -2.46 10.60 -35.16
CA SER B 78 -3.43 9.62 -35.70
C SER B 78 -4.01 8.88 -34.55
N PRO B 79 -5.18 8.22 -34.77
CA PRO B 79 -5.82 7.40 -33.72
C PRO B 79 -4.95 6.20 -33.39
N GLU B 80 -4.27 5.66 -34.38
CA GLU B 80 -3.33 4.52 -34.12
C GLU B 80 -2.21 4.86 -33.14
N LEU B 81 -1.62 6.02 -33.38
CA LEU B 81 -0.59 6.53 -32.53
C LEU B 81 -1.20 6.85 -31.15
N ALA B 82 -2.42 7.42 -31.12
CA ALA B 82 -3.06 7.73 -29.79
C ALA B 82 -3.28 6.42 -28.97
N ARG B 83 -3.61 5.32 -29.66
CA ARG B 83 -3.84 4.06 -28.98
C ARG B 83 -2.49 3.45 -28.55
N MET B 84 -1.40 3.66 -29.33
CA MET B 84 -0.11 3.07 -28.97
C MET B 84 0.41 3.76 -27.73
N LEU B 85 0.18 5.07 -27.67
CA LEU B 85 0.45 5.83 -26.41
C LEU B 85 -0.32 5.27 -25.25
N ALA B 86 -1.61 5.06 -25.46
CA ALA B 86 -2.42 4.52 -24.37
C ALA B 86 -2.00 3.11 -23.96
N VAL B 87 -1.71 2.23 -24.92
CA VAL B 87 -1.30 0.88 -24.49
C VAL B 87 0.06 0.88 -23.73
N THR B 88 0.98 1.71 -24.22
CA THR B 88 2.28 1.91 -23.56
C THR B 88 2.03 2.38 -22.12
N LYS B 89 1.18 3.40 -21.97
CA LYS B 89 0.89 3.84 -20.57
C LYS B 89 0.35 2.70 -19.73
N TRP B 90 -0.58 1.92 -20.33
CA TRP B 90 -1.09 0.76 -19.59
C TRP B 90 0.04 -0.17 -19.19
N PHE B 91 0.94 -0.41 -20.15
CA PHE B 91 1.98 -1.41 -19.97
C PHE B 91 2.90 -0.94 -18.90
N ILE B 92 3.28 0.33 -18.96
CA ILE B 92 4.08 0.86 -17.86
C ILE B 92 3.34 0.69 -16.53
N SER B 93 2.03 0.78 -16.58
CA SER B 93 1.29 0.82 -15.28
C SER B 93 1.30 -0.57 -14.58
N THR B 94 1.55 -1.65 -15.35
CA THR B 94 1.46 -2.94 -14.84
C THR B 94 2.73 -3.21 -14.02
N LEU B 95 3.78 -2.47 -14.29
CA LEU B 95 5.10 -2.86 -13.73
C LEU B 95 5.22 -2.80 -12.22
N LYS B 96 4.71 -1.73 -11.61
CA LYS B 96 4.72 -1.68 -10.18
C LYS B 96 3.98 -2.90 -9.56
N SER B 97 2.89 -3.32 -10.18
CA SER B 97 2.09 -4.43 -9.66
C SER B 97 2.85 -5.76 -9.81
N GLN B 98 3.38 -5.98 -11.01
CA GLN B 98 4.11 -7.21 -11.28
C GLN B 98 5.27 -7.38 -10.32
N TYR B 99 5.98 -6.28 -10.06
CA TYR B 99 7.33 -6.42 -9.49
C TYR B 99 7.56 -5.74 -8.12
N CYS B 100 6.55 -5.02 -7.59
CA CYS B 100 6.72 -4.34 -6.26
C CYS B 100 5.67 -4.76 -5.25
N SER B 101 4.66 -5.49 -5.69
CA SER B 101 3.55 -5.79 -4.81
C SER B 101 3.93 -6.52 -3.49
N ARG B 102 4.83 -7.51 -3.54
CA ARG B 102 5.28 -8.18 -2.29
C ARG B 102 6.06 -7.26 -1.34
N ASN B 103 6.91 -6.40 -1.88
CA ASN B 103 7.60 -5.42 -1.05
C ASN B 103 6.63 -4.70 -0.15
N GLU B 104 5.53 -4.25 -0.72
CA GLU B 104 4.56 -3.48 0.03
C GLU B 104 3.75 -4.34 1.00
N SER B 105 3.25 -5.48 0.55
CA SER B 105 2.37 -6.27 1.39
C SER B 105 3.14 -7.16 2.38
N LEU B 106 4.36 -7.60 2.02
CA LEU B 106 5.11 -8.59 2.79
C LEU B 106 6.43 -8.05 3.35
N GLY B 107 6.91 -6.94 2.81
CA GLY B 107 8.07 -6.27 3.37
C GLY B 107 9.25 -6.40 2.45
N SER B 108 9.23 -7.39 1.56
CA SER B 108 10.29 -7.58 0.60
C SER B 108 9.74 -8.60 -0.34
N GLU B 109 10.35 -8.74 -1.48
CA GLU B 109 10.03 -9.90 -2.32
C GLU B 109 10.28 -11.14 -1.46
N LYS B 110 9.39 -12.11 -1.58
CA LYS B 110 9.55 -13.43 -0.88
C LYS B 110 9.31 -14.58 -1.88
N LYS B 111 9.50 -15.80 -1.46
CA LYS B 111 9.48 -16.92 -2.46
C LYS B 111 8.00 -17.36 -2.60
N PRO B 112 7.38 -17.22 -3.79
CA PRO B 112 5.94 -17.54 -3.93
C PRO B 112 5.72 -19.08 -3.89
N LEU B 113 4.48 -19.54 -3.83
CA LEU B 113 4.20 -20.96 -3.85
C LEU B 113 4.33 -21.46 -5.27
N ASN B 114 4.93 -22.62 -5.47
CA ASN B 114 5.11 -23.19 -6.81
C ASN B 114 3.76 -23.81 -7.14
N PRO B 115 3.07 -23.40 -8.22
CA PRO B 115 1.72 -23.93 -8.33
C PRO B 115 1.58 -25.43 -8.73
N PHE B 116 0.55 -26.09 -8.19
CA PHE B 116 0.27 -27.48 -8.61
C PHE B 116 -0.33 -27.48 -9.99
N LEU B 117 -0.15 -28.56 -10.78
CA LEU B 117 -0.66 -28.59 -12.12
C LEU B 117 -2.20 -28.51 -12.14
N GLY B 118 -2.77 -27.78 -13.10
CA GLY B 118 -4.22 -27.65 -13.12
C GLY B 118 -4.77 -26.62 -12.12
N GLU B 119 -3.89 -25.98 -11.33
CA GLU B 119 -4.31 -24.91 -10.42
C GLU B 119 -4.98 -23.75 -11.19
N LEU B 120 -6.06 -23.24 -10.62
CA LEU B 120 -6.78 -22.12 -11.20
C LEU B 120 -6.89 -20.90 -10.28
N PHE B 121 -6.88 -19.72 -10.90
CA PHE B 121 -7.14 -18.49 -10.16
C PHE B 121 -8.02 -17.63 -11.05
N VAL B 122 -9.16 -17.18 -10.50
CA VAL B 122 -10.25 -16.53 -11.27
C VAL B 122 -10.90 -15.41 -10.43
N GLY B 123 -11.41 -14.36 -11.09
CA GLY B 123 -12.02 -13.24 -10.38
C GLY B 123 -12.39 -12.22 -11.45
N LYS B 124 -12.75 -10.99 -11.06
CA LYS B 124 -13.25 -10.00 -11.98
C LYS B 124 -13.05 -8.65 -11.34
N TRP B 125 -12.74 -7.66 -12.19
CA TRP B 125 -12.91 -6.29 -11.80
C TRP B 125 -14.34 -5.87 -12.19
N GLU B 126 -15.14 -5.56 -11.20
CA GLU B 126 -16.58 -5.41 -11.48
C GLU B 126 -16.81 -4.04 -12.12
N ASN B 127 -15.84 -3.16 -11.95
CA ASN B 127 -15.96 -1.77 -12.41
C ASN B 127 -17.24 -1.02 -12.06
N LYS B 128 -17.78 -1.30 -10.85
CA LYS B 128 -19.03 -0.68 -10.34
C LYS B 128 -19.10 0.85 -10.47
N GLU B 129 -17.99 1.57 -10.30
CA GLU B 129 -17.98 3.04 -10.47
C GLU B 129 -18.08 3.53 -11.91
N HIS B 130 -17.90 2.66 -12.92
CA HIS B 130 -17.78 3.13 -14.31
C HIS B 130 -18.54 2.20 -15.19
N PRO B 131 -19.89 2.40 -15.23
CA PRO B 131 -20.82 1.51 -15.95
C PRO B 131 -20.41 1.29 -17.41
N GLU B 132 -19.83 2.33 -18.02
CA GLU B 132 -19.36 2.16 -19.40
C GLU B 132 -18.20 1.13 -19.56
N PHE B 133 -17.51 0.81 -18.46
CA PHE B 133 -16.41 -0.16 -18.54
C PHE B 133 -16.94 -1.54 -18.71
N GLY B 134 -17.90 -1.88 -17.83
CA GLY B 134 -18.38 -3.28 -17.77
C GLY B 134 -17.31 -4.12 -17.06
N GLU B 135 -17.59 -5.42 -16.88
CA GLU B 135 -16.75 -6.25 -16.09
C GLU B 135 -15.59 -6.86 -16.84
N THR B 136 -14.45 -6.92 -16.15
CA THR B 136 -13.27 -7.50 -16.78
C THR B 136 -12.94 -8.78 -16.01
N VAL B 137 -12.78 -9.89 -16.74
CA VAL B 137 -12.57 -11.22 -16.18
C VAL B 137 -11.09 -11.58 -16.20
N LEU B 138 -10.61 -12.13 -15.08
CA LEU B 138 -9.35 -12.85 -15.09
C LEU B 138 -9.60 -14.33 -15.00
N LEU B 139 -9.00 -15.05 -15.94
CA LEU B 139 -8.81 -16.50 -15.86
C LEU B 139 -7.31 -16.85 -15.82
N SER B 140 -6.86 -17.52 -14.76
CA SER B 140 -5.45 -17.91 -14.63
C SER B 140 -5.31 -19.43 -14.37
N GLU B 141 -4.45 -20.09 -15.15
CA GLU B 141 -4.34 -21.54 -15.10
C GLU B 141 -2.90 -22.03 -15.08
N GLN B 142 -2.55 -22.90 -14.13
CA GLN B 142 -1.24 -23.54 -14.19
C GLN B 142 -1.20 -24.73 -15.14
N VAL B 143 -0.69 -24.49 -16.36
CA VAL B 143 -0.67 -25.45 -17.47
C VAL B 143 0.56 -26.39 -17.51
N SER B 144 1.59 -26.08 -16.72
CA SER B 144 2.70 -27.03 -16.52
C SER B 144 3.32 -26.81 -15.15
N HIS B 145 3.88 -27.89 -14.58
CA HIS B 145 4.48 -27.87 -13.27
C HIS B 145 5.93 -28.18 -13.47
N HIS B 146 6.26 -28.93 -14.51
CA HIS B 146 7.64 -29.32 -14.85
C HIS B 146 8.03 -28.94 -16.27
N PRO B 147 8.44 -27.68 -16.50
CA PRO B 147 8.65 -26.62 -15.51
C PRO B 147 7.34 -25.90 -15.19
N PRO B 148 7.34 -25.00 -14.20
CA PRO B 148 6.16 -24.16 -13.94
C PRO B 148 5.83 -23.21 -15.15
N VAL B 149 4.57 -23.23 -15.62
CA VAL B 149 4.04 -22.33 -16.69
C VAL B 149 2.65 -21.94 -16.25
N THR B 150 2.40 -20.62 -16.23
CA THR B 150 1.11 -20.06 -15.91
C THR B 150 0.59 -19.43 -17.18
N ALA B 151 -0.66 -19.69 -17.49
CA ALA B 151 -1.28 -19.06 -18.65
C ALA B 151 -2.51 -18.28 -18.18
N PHE B 152 -2.95 -17.32 -19.00
CA PHE B 152 -3.95 -16.37 -18.51
C PHE B 152 -4.63 -15.63 -19.64
N SER B 153 -5.84 -15.19 -19.32
CA SER B 153 -6.63 -14.37 -20.17
C SER B 153 -7.41 -13.37 -19.31
N ILE B 154 -7.45 -12.15 -19.80
CA ILE B 154 -8.17 -11.11 -19.10
C ILE B 154 -8.98 -10.50 -20.23
N PHE B 155 -10.26 -10.32 -19.97
CA PHE B 155 -11.09 -9.85 -21.03
C PHE B 155 -12.28 -8.99 -20.58
N ASN B 156 -12.58 -7.99 -21.40
CA ASN B 156 -13.71 -7.16 -21.21
C ASN B 156 -14.60 -7.31 -22.47
N ASP B 157 -15.69 -8.09 -22.35
CA ASP B 157 -16.67 -8.29 -23.45
C ASP B 157 -17.40 -7.01 -23.87
N LYS B 158 -17.77 -6.17 -22.93
CA LYS B 158 -18.54 -4.99 -23.27
C LYS B 158 -17.76 -4.18 -24.29
N ASN B 159 -16.45 -4.09 -24.11
CA ASN B 159 -15.67 -3.12 -24.89
C ASN B 159 -14.74 -3.80 -25.88
N LYS B 160 -14.85 -5.13 -26.01
CA LYS B 160 -14.01 -5.95 -26.94
C LYS B 160 -12.48 -5.76 -26.71
N VAL B 161 -12.08 -5.74 -25.45
CA VAL B 161 -10.64 -5.74 -25.09
C VAL B 161 -10.24 -7.09 -24.50
N LYS B 162 -9.27 -7.72 -25.11
CA LYS B 162 -8.86 -9.01 -24.59
C LYS B 162 -7.37 -9.18 -24.56
N LEU B 163 -6.94 -9.78 -23.45
CA LEU B 163 -5.54 -10.10 -23.22
C LEU B 163 -5.44 -11.62 -23.03
N GLN B 164 -4.42 -12.22 -23.67
CA GLN B 164 -4.00 -13.56 -23.32
C GLN B 164 -2.46 -13.70 -23.34
N GLY B 165 -1.92 -14.69 -22.64
CA GLY B 165 -0.44 -14.84 -22.59
C GLY B 165 -0.07 -15.96 -21.64
N TYR B 166 1.21 -16.21 -21.45
CA TYR B 166 1.59 -17.27 -20.55
C TYR B 166 2.98 -16.88 -20.12
N ASN B 167 3.44 -17.42 -18.99
CA ASN B 167 4.72 -17.06 -18.47
C ASN B 167 5.51 -18.27 -17.99
N GLN B 168 6.81 -18.24 -18.21
CA GLN B 168 7.69 -19.24 -17.66
C GLN B 168 9.08 -18.58 -17.40
N ILE B 169 9.86 -19.13 -16.47
CA ILE B 169 11.20 -18.54 -16.24
C ILE B 169 12.31 -19.55 -16.21
N LYS B 170 13.51 -19.08 -16.44
CA LYS B 170 14.72 -19.79 -16.06
C LYS B 170 15.61 -18.83 -15.25
N ALA B 171 16.26 -19.33 -14.21
CA ALA B 171 17.06 -18.51 -13.32
C ALA B 171 18.35 -19.22 -12.93
N SER B 172 19.37 -18.47 -12.59
CA SER B 172 20.53 -19.05 -11.97
C SER B 172 21.22 -17.98 -11.14
N PHE B 173 22.00 -18.39 -10.15
CA PHE B 173 22.69 -17.45 -9.26
C PHE B 173 24.03 -16.98 -9.83
N THR B 174 24.50 -15.84 -9.41
CA THR B 174 25.88 -15.46 -9.75
C THR B 174 26.77 -15.74 -8.55
N LYS B 175 28.08 -15.50 -8.70
CA LYS B 175 29.03 -15.77 -7.61
C LYS B 175 28.67 -14.92 -6.37
N SER B 176 28.31 -13.66 -6.57
CA SER B 176 27.86 -12.77 -5.49
C SER B 176 26.37 -12.93 -5.10
N LEU B 177 25.73 -13.98 -5.60
CA LEU B 177 24.36 -14.34 -5.23
C LEU B 177 23.24 -13.45 -5.77
N MET B 178 23.49 -12.80 -6.89
CA MET B 178 22.37 -12.18 -7.65
C MET B 178 21.61 -13.32 -8.32
N LEU B 179 20.26 -13.25 -8.33
CA LEU B 179 19.53 -14.21 -9.08
C LEU B 179 19.13 -13.61 -10.40
N THR B 180 19.72 -14.17 -11.47
CA THR B 180 19.48 -13.80 -12.89
C THR B 180 18.28 -14.54 -13.35
N VAL B 181 17.32 -13.85 -13.96
CA VAL B 181 16.01 -14.46 -14.27
C VAL B 181 15.68 -14.05 -15.70
N LYS B 182 15.57 -15.05 -16.57
CA LYS B 182 15.11 -14.79 -17.93
C LYS B 182 13.64 -15.16 -17.97
N GLN B 183 12.79 -14.35 -18.60
CA GLN B 183 11.36 -14.70 -18.67
C GLN B 183 11.18 -15.34 -20.08
N PHE B 184 10.20 -16.21 -20.22
CA PHE B 184 9.80 -16.82 -21.49
C PHE B 184 8.30 -16.60 -21.61
N GLY B 185 7.79 -16.53 -22.83
CA GLY B 185 6.39 -16.27 -23.08
C GLY B 185 6.14 -14.91 -23.69
N HIS B 186 4.89 -14.64 -24.09
CA HIS B 186 4.49 -13.31 -24.52
C HIS B 186 3.07 -13.15 -24.18
N THR B 187 2.52 -11.95 -24.43
CA THR B 187 1.13 -11.64 -24.13
C THR B 187 0.61 -10.86 -25.32
N MET B 188 -0.64 -11.14 -25.71
CA MET B 188 -1.27 -10.45 -26.83
C MET B 188 -2.46 -9.66 -26.31
N LEU B 189 -2.57 -8.43 -26.80
CA LEU B 189 -3.64 -7.53 -26.41
C LEU B 189 -4.47 -7.09 -27.64
N ASP B 190 -5.77 -7.48 -27.68
CA ASP B 190 -6.64 -7.04 -28.81
C ASP B 190 -7.55 -5.88 -28.32
N ILE B 191 -7.45 -4.71 -28.99
CA ILE B 191 -8.39 -3.59 -28.88
C ILE B 191 -9.29 -3.67 -30.13
N LYS B 192 -10.49 -4.21 -29.95
CA LYS B 192 -11.40 -4.43 -31.05
C LYS B 192 -10.60 -5.13 -32.15
N ASP B 193 -10.50 -4.59 -33.34
CA ASP B 193 -9.78 -5.34 -34.34
C ASP B 193 -8.28 -5.07 -34.40
N GLU B 194 -7.76 -4.24 -33.51
CA GLU B 194 -6.34 -3.86 -33.56
C GLU B 194 -5.57 -4.68 -32.54
N SER B 195 -4.38 -5.14 -32.91
CA SER B 195 -3.67 -6.05 -32.01
C SER B 195 -2.26 -5.57 -31.55
N TYR B 196 -1.84 -6.07 -30.38
CA TYR B 196 -0.58 -5.67 -29.75
C TYR B 196 0.16 -6.95 -29.23
N LEU B 197 1.44 -7.11 -29.58
CA LEU B 197 2.30 -8.19 -28.98
C LEU B 197 3.26 -7.63 -27.93
N VAL B 198 3.16 -8.12 -26.70
CA VAL B 198 3.95 -7.58 -25.61
C VAL B 198 4.96 -8.65 -25.10
N THR B 199 6.24 -8.31 -25.01
CA THR B 199 7.25 -9.25 -24.45
C THR B 199 7.75 -8.78 -23.12
N PRO B 200 7.67 -9.66 -22.09
CA PRO B 200 8.19 -9.20 -20.78
C PRO B 200 9.72 -9.24 -20.76
N PRO B 201 10.33 -8.44 -19.91
CA PRO B 201 11.74 -8.19 -19.89
C PRO B 201 12.53 -9.22 -19.02
N PRO B 202 13.85 -9.30 -19.20
CA PRO B 202 14.57 -10.04 -18.15
C PRO B 202 14.67 -9.22 -16.86
N LEU B 203 15.15 -9.89 -15.81
CA LEU B 203 15.31 -9.23 -14.48
C LEU B 203 16.33 -9.93 -13.61
N HIS B 204 16.64 -9.30 -12.49
CA HIS B 204 17.49 -9.97 -11.49
C HIS B 204 17.01 -9.65 -10.13
N ILE B 205 17.41 -10.49 -9.17
CA ILE B 205 16.99 -10.26 -7.84
C ILE B 205 18.15 -9.92 -6.99
N GLU B 206 18.06 -8.76 -6.36
CA GLU B 206 19.11 -8.24 -5.54
C GLU B 206 18.76 -8.41 -4.08
N GLY B 207 19.67 -8.02 -3.19
CA GLY B 207 19.48 -8.04 -1.76
C GLY B 207 19.26 -9.41 -1.14
N ILE B 208 19.57 -10.45 -1.90
CA ILE B 208 19.52 -11.80 -1.33
C ILE B 208 20.52 -12.02 -0.19
N LEU B 209 21.74 -11.49 -0.32
CA LEU B 209 22.74 -11.52 0.75
C LEU B 209 22.22 -10.89 2.02
N VAL B 210 21.61 -9.70 1.92
CA VAL B 210 21.13 -9.05 3.14
C VAL B 210 19.73 -9.48 3.55
N ALA B 211 19.26 -10.61 3.02
CA ALA B 211 17.90 -11.12 3.28
C ALA B 211 16.78 -10.05 3.10
N SER B 212 16.90 -9.22 2.06
CA SER B 212 15.76 -8.34 1.71
C SER B 212 15.63 -8.29 0.20
N PRO B 213 15.25 -9.42 -0.43
CA PRO B 213 15.28 -9.44 -1.88
C PRO B 213 14.32 -8.37 -2.48
N PHE B 214 14.69 -7.89 -3.66
CA PHE B 214 13.82 -7.05 -4.48
C PHE B 214 14.13 -7.29 -5.93
N VAL B 215 13.17 -7.00 -6.80
CA VAL B 215 13.36 -7.15 -8.26
C VAL B 215 13.92 -5.85 -8.88
N GLU B 216 14.84 -5.96 -9.82
CA GLU B 216 15.16 -4.84 -10.65
C GLU B 216 15.12 -5.40 -12.07
N LEU B 217 14.43 -4.66 -12.98
CA LEU B 217 14.34 -5.03 -14.39
C LEU B 217 15.61 -4.65 -15.16
N GLU B 218 15.82 -5.35 -16.27
CA GLU B 218 16.89 -5.12 -17.22
C GLU B 218 16.44 -5.46 -18.69
N GLY B 219 17.37 -5.29 -19.63
CA GLY B 219 17.14 -5.61 -21.04
C GLY B 219 15.97 -4.78 -21.57
N LYS B 220 15.16 -5.42 -22.42
CA LYS B 220 14.15 -4.68 -23.21
C LYS B 220 12.83 -5.35 -23.14
N SER B 221 11.75 -4.61 -23.34
CA SER B 221 10.39 -5.19 -23.63
C SER B 221 9.97 -4.64 -24.96
N TYR B 222 9.07 -5.29 -25.68
CA TYR B 222 8.57 -4.74 -26.94
C TYR B 222 7.13 -4.69 -26.92
N ILE B 223 6.55 -3.68 -27.60
CA ILE B 223 5.13 -3.67 -27.91
C ILE B 223 4.97 -3.36 -29.39
N GLN B 224 4.68 -4.42 -30.16
CA GLN B 224 4.51 -4.38 -31.58
C GLN B 224 3.03 -4.45 -31.88
N SER B 225 2.56 -3.48 -32.64
CA SER B 225 1.15 -3.39 -32.99
C SER B 225 0.91 -3.85 -34.42
N SER B 226 -0.35 -4.15 -34.74
CA SER B 226 -0.79 -4.55 -36.12
C SER B 226 -0.81 -3.31 -36.98
N THR B 227 -0.81 -2.13 -36.36
CA THR B 227 -0.68 -0.89 -37.13
C THR B 227 0.75 -0.67 -37.66
N GLY B 228 1.72 -1.49 -37.26
CA GLY B 228 3.10 -1.28 -37.69
C GLY B 228 3.90 -0.53 -36.63
N LEU B 229 3.20 0.22 -35.76
CA LEU B 229 3.89 1.05 -34.77
C LEU B 229 4.60 0.16 -33.73
N LEU B 230 5.77 0.59 -33.22
CA LEU B 230 6.51 -0.27 -32.32
C LEU B 230 6.94 0.56 -31.12
N CYS B 231 6.76 0.02 -29.90
CA CYS B 231 7.36 0.56 -28.71
C CYS B 231 8.49 -0.27 -28.20
N VAL B 232 9.63 0.37 -27.95
CA VAL B 232 10.80 -0.36 -27.38
C VAL B 232 11.03 0.24 -26.03
N ILE B 233 10.88 -0.59 -24.99
CA ILE B 233 11.10 -0.14 -23.64
C ILE B 233 12.42 -0.69 -23.06
N GLU B 234 13.32 0.16 -22.66
CA GLU B 234 14.61 -0.33 -22.06
C GLU B 234 14.67 -0.03 -20.59
N PHE B 235 15.08 -1.02 -19.79
CA PHE B 235 15.03 -0.86 -18.36
C PHE B 235 16.46 -0.77 -17.83
N SER B 236 16.67 0.09 -16.85
CA SER B 236 17.90 0.03 -16.01
C SER B 236 17.55 0.48 -14.59
N GLY B 237 18.56 0.61 -13.75
CA GLY B 237 18.30 0.86 -12.33
C GLY B 237 19.57 1.30 -11.67
N LYS B 244 18.82 6.14 -10.71
CA LYS B 244 17.55 5.69 -10.15
C LYS B 244 17.23 4.20 -10.40
N LYS B 245 16.89 3.51 -9.32
CA LYS B 245 16.25 2.21 -9.38
C LYS B 245 14.98 2.28 -10.23
N ASN B 246 14.66 1.18 -10.90
CA ASN B 246 13.32 1.05 -11.54
C ASN B 246 13.13 2.06 -12.64
N SER B 247 14.22 2.30 -13.32
CA SER B 247 14.23 3.27 -14.37
C SER B 247 14.03 2.62 -15.81
N PHE B 248 13.46 3.44 -16.72
CA PHE B 248 13.23 2.97 -18.09
C PHE B 248 13.33 4.12 -19.10
N LYS B 249 13.59 3.79 -20.36
CA LYS B 249 13.29 4.65 -21.50
C LYS B 249 12.39 3.92 -22.48
N ALA B 250 11.29 4.55 -22.88
CA ALA B 250 10.43 3.99 -23.95
C ALA B 250 10.39 4.93 -25.15
N ARG B 251 10.64 4.33 -26.33
CA ARG B 251 10.61 4.95 -27.68
C ARG B 251 9.61 4.29 -28.65
N ILE B 252 8.79 5.12 -29.27
CA ILE B 252 7.73 4.67 -30.17
C ILE B 252 8.14 5.04 -31.59
N TYR B 253 8.11 4.05 -32.47
CA TYR B 253 8.60 4.18 -33.83
C TYR B 253 7.45 3.99 -34.81
N LYS B 254 7.47 4.72 -35.94
CA LYS B 254 6.45 4.56 -36.95
C LYS B 254 6.49 3.09 -37.40
N ASP B 255 7.69 2.55 -37.53
CA ASP B 255 7.78 1.12 -37.82
C ASP B 255 9.07 0.51 -37.32
N SER B 256 9.13 -0.82 -37.33
CA SER B 256 10.18 -1.51 -36.57
C SER B 256 11.54 -1.30 -37.16
N LYS B 257 11.62 -1.18 -38.49
CA LYS B 257 12.82 -0.65 -39.19
C LYS B 257 13.38 0.60 -38.55
N ASP B 258 12.50 1.56 -38.26
CA ASP B 258 12.94 2.83 -37.64
C ASP B 258 13.61 2.67 -36.28
N SER B 259 13.31 1.58 -35.57
CA SER B 259 13.85 1.36 -34.21
C SER B 259 15.37 1.25 -34.05
N LYS B 260 16.11 1.06 -35.15
CA LYS B 260 17.58 0.92 -35.12
C LYS B 260 18.21 2.30 -34.87
N ASP B 261 17.40 3.36 -34.85
CA ASP B 261 17.87 4.74 -34.79
C ASP B 261 16.89 5.59 -33.95
N LYS B 262 17.32 5.80 -32.73
CA LYS B 262 16.70 6.65 -31.73
C LYS B 262 16.15 7.96 -32.25
N GLU B 263 16.89 8.62 -33.14
CA GLU B 263 16.50 9.97 -33.62
C GLU B 263 15.22 9.90 -34.49
N LYS B 264 14.83 8.74 -34.99
CA LYS B 264 13.50 8.59 -35.58
C LYS B 264 12.29 8.33 -34.63
N ALA B 265 12.49 8.23 -33.33
CA ALA B 265 11.38 7.99 -32.37
C ALA B 265 10.33 9.09 -32.48
N LEU B 266 9.06 8.76 -32.45
CA LEU B 266 8.02 9.78 -32.52
C LEU B 266 7.90 10.49 -31.18
N TYR B 267 8.15 9.71 -30.11
CA TYR B 267 8.10 10.22 -28.73
C TYR B 267 9.12 9.38 -28.01
N THR B 268 9.63 9.95 -26.95
CA THR B 268 10.56 9.33 -25.98
C THR B 268 10.11 9.58 -24.59
N ILE B 269 9.95 8.48 -23.86
CA ILE B 269 9.43 8.51 -22.50
C ILE B 269 10.54 8.05 -21.48
N SER B 270 10.70 8.70 -20.33
CA SER B 270 11.73 8.25 -19.39
C SER B 270 11.39 8.61 -18.02
N GLY B 271 11.88 7.81 -17.06
CA GLY B 271 11.57 8.05 -15.67
C GLY B 271 11.62 6.74 -14.92
N GLN B 272 10.85 6.64 -13.86
CA GLN B 272 10.82 5.43 -13.06
C GLN B 272 9.44 4.82 -13.24
N TRP B 273 9.42 3.55 -13.65
CA TRP B 273 8.14 2.78 -13.69
C TRP B 273 7.49 2.53 -12.34
N SER B 274 8.23 2.73 -11.26
CA SER B 274 7.62 2.60 -9.95
C SER B 274 7.28 3.99 -9.44
N GLY B 275 7.59 5.03 -10.22
CA GLY B 275 7.28 6.44 -9.84
C GLY B 275 6.78 7.27 -11.05
N SER B 276 7.52 8.29 -11.47
CA SER B 276 6.97 9.20 -12.51
C SER B 276 7.85 9.20 -13.70
N SER B 277 7.23 9.35 -14.86
CA SER B 277 7.98 9.50 -16.03
C SER B 277 7.37 10.64 -16.84
N LYS B 278 8.18 11.19 -17.74
CA LYS B 278 7.83 12.32 -18.61
C LYS B 278 7.97 11.90 -20.06
N ILE B 279 7.27 12.61 -20.94
CA ILE B 279 7.40 12.32 -22.36
C ILE B 279 7.84 13.58 -23.20
N ILE B 280 8.52 13.31 -24.31
CA ILE B 280 9.04 14.40 -25.20
C ILE B 280 8.65 13.93 -26.55
N LYS B 281 7.89 14.74 -27.28
CA LYS B 281 7.61 14.45 -28.67
C LYS B 281 8.78 14.89 -29.59
N ALA B 282 9.07 14.12 -30.64
CA ALA B 282 10.08 14.48 -31.67
C ALA B 282 11.50 14.38 -31.07
N SER B 288 8.75 18.76 -22.53
CA SER B 288 8.22 17.57 -21.81
C SER B 288 7.03 17.73 -20.84
N ARG B 289 6.28 16.65 -20.68
CA ARG B 289 5.04 16.59 -19.88
C ARG B 289 5.00 15.28 -19.17
N LEU B 290 4.20 15.21 -18.11
CA LEU B 290 4.08 13.98 -17.26
C LEU B 290 3.37 12.91 -18.09
N PHE B 291 3.98 11.72 -18.21
CA PHE B 291 3.36 10.64 -18.90
C PHE B 291 2.60 9.76 -17.93
N TYR B 292 3.26 9.35 -16.85
CA TYR B 292 2.56 8.54 -15.87
C TYR B 292 3.15 8.72 -14.47
N ASP B 293 2.34 8.57 -13.45
CA ASP B 293 2.91 8.74 -12.10
C ASP B 293 2.33 7.63 -11.20
N ALA B 294 3.18 6.68 -10.84
CA ALA B 294 2.67 5.47 -10.18
C ALA B 294 2.09 5.81 -8.80
N ALA B 295 2.67 6.81 -8.14
CA ALA B 295 2.15 7.24 -6.82
C ALA B 295 0.70 7.81 -6.82
N ARG B 296 0.29 8.45 -7.92
CA ARG B 296 -1.04 9.10 -8.01
C ARG B 296 -2.19 8.18 -8.27
N ILE B 297 -1.91 6.94 -8.67
CA ILE B 297 -2.90 6.00 -9.18
C ILE B 297 -3.02 4.62 -8.42
N PRO B 298 -3.81 4.57 -7.34
CA PRO B 298 -3.78 3.36 -6.54
C PRO B 298 -4.20 2.13 -7.34
N ALA B 299 -3.46 1.05 -7.20
CA ALA B 299 -3.85 -0.24 -7.83
C ALA B 299 -5.25 -0.59 -7.35
N GLU B 300 -6.09 -1.15 -8.22
CA GLU B 300 -7.37 -1.69 -7.79
C GLU B 300 -7.34 -3.21 -7.94
N HIS B 301 -7.67 -3.93 -6.88
CA HIS B 301 -7.48 -5.41 -6.82
C HIS B 301 -8.74 -6.07 -7.24
N LEU B 302 -8.66 -7.14 -8.02
CA LEU B 302 -9.86 -7.71 -8.54
C LEU B 302 -10.70 -8.32 -7.43
N ASN B 303 -11.98 -8.49 -7.73
CA ASN B 303 -12.86 -9.30 -6.85
C ASN B 303 -12.69 -10.79 -6.94
N VAL B 304 -12.43 -11.42 -5.81
CA VAL B 304 -12.24 -12.86 -5.77
C VAL B 304 -13.33 -13.32 -4.78
N LYS B 305 -14.04 -14.41 -5.10
CA LYS B 305 -15.18 -14.82 -4.22
C LYS B 305 -14.70 -15.35 -2.85
N PRO B 306 -15.54 -15.25 -1.79
CA PRO B 306 -14.98 -15.70 -0.51
C PRO B 306 -14.53 -17.17 -0.56
N LEU B 307 -13.68 -17.53 0.39
CA LEU B 307 -13.08 -18.86 0.43
C LEU B 307 -14.16 -19.96 0.51
N GLU B 308 -15.17 -19.76 1.37
CA GLU B 308 -16.39 -20.62 1.40
C GLU B 308 -16.95 -21.03 0.01
N GLU B 309 -16.85 -20.17 -1.01
CA GLU B 309 -17.45 -20.47 -2.30
C GLU B 309 -16.48 -21.00 -3.34
N GLN B 310 -15.21 -21.08 -2.99
CA GLN B 310 -14.25 -21.51 -3.99
C GLN B 310 -14.26 -23.00 -4.17
N HIS B 311 -14.08 -23.42 -5.40
CA HIS B 311 -13.82 -24.82 -5.78
C HIS B 311 -12.41 -25.25 -5.34
N PRO B 312 -12.23 -26.58 -4.99
CA PRO B 312 -10.94 -27.05 -4.44
C PRO B 312 -9.72 -26.75 -5.33
N LEU B 313 -9.92 -26.69 -6.66
CA LEU B 313 -8.83 -26.35 -7.62
C LEU B 313 -8.34 -24.87 -7.61
N GLU B 314 -9.08 -24.01 -6.91
CA GLU B 314 -8.84 -22.59 -6.88
C GLU B 314 -7.75 -22.26 -5.89
N SER B 315 -6.82 -21.41 -6.33
CA SER B 315 -5.55 -21.22 -5.62
C SER B 315 -5.72 -20.97 -4.15
N ARG B 316 -6.47 -19.93 -3.78
CA ARG B 316 -6.44 -19.57 -2.35
C ARG B 316 -7.05 -20.70 -1.47
N LYS B 317 -8.03 -21.41 -2.02
CA LYS B 317 -8.62 -22.53 -1.27
C LYS B 317 -7.59 -23.65 -1.22
N ALA B 318 -7.02 -23.98 -2.36
CA ALA B 318 -6.17 -25.15 -2.43
C ALA B 318 -4.93 -24.89 -1.55
N TRP B 319 -4.46 -23.64 -1.52
CA TRP B 319 -3.26 -23.32 -0.73
C TRP B 319 -3.53 -23.06 0.71
N TYR B 320 -4.79 -23.13 1.12
CA TYR B 320 -5.18 -22.43 2.33
C TYR B 320 -4.40 -22.81 3.59
N ASP B 321 -4.17 -24.12 3.76
CA ASP B 321 -3.55 -24.54 5.03
C ASP B 321 -2.05 -24.20 5.06
N VAL B 322 -1.38 -24.43 3.92
CA VAL B 322 0.03 -24.10 3.74
C VAL B 322 0.19 -22.63 4.10
N ALA B 323 -0.74 -21.80 3.62
CA ALA B 323 -0.65 -20.38 3.86
C ALA B 323 -0.78 -20.00 5.32
N GLY B 324 -1.65 -20.69 6.07
CA GLY B 324 -1.77 -20.39 7.53
C GLY B 324 -0.47 -20.63 8.31
N ALA B 325 0.10 -21.79 8.06
CA ALA B 325 1.36 -22.27 8.57
C ALA B 325 2.49 -21.26 8.26
N ILE B 326 2.67 -20.99 6.96
CA ILE B 326 3.65 -19.98 6.56
C ILE B 326 3.38 -18.75 7.40
N LYS B 327 2.11 -18.33 7.45
CA LYS B 327 1.74 -17.15 8.19
C LYS B 327 2.27 -17.23 9.62
N LEU B 328 2.19 -18.41 10.23
CA LEU B 328 2.45 -18.58 11.66
C LEU B 328 3.94 -18.67 11.98
N GLY B 329 4.72 -19.18 11.02
CA GLY B 329 6.17 -19.29 11.12
C GLY B 329 6.56 -20.73 11.38
N ASP B 330 5.54 -21.58 11.40
CA ASP B 330 5.68 -22.97 11.82
C ASP B 330 6.38 -23.88 10.82
N PHE B 331 7.66 -24.14 11.06
CA PHE B 331 8.49 -24.99 10.20
C PHE B 331 7.88 -26.36 9.86
N ASN B 332 7.27 -27.07 10.82
CA ASN B 332 6.90 -28.51 10.59
C ASN B 332 5.60 -28.71 9.82
N LEU B 333 4.59 -27.96 10.27
CA LEU B 333 3.27 -27.86 9.63
C LEU B 333 3.33 -27.46 8.17
N ILE B 334 4.22 -26.50 7.84
CA ILE B 334 4.43 -26.07 6.45
C ILE B 334 4.85 -27.30 5.67
N ALA B 335 5.72 -28.12 6.23
CA ALA B 335 5.98 -29.43 5.61
C ALA B 335 4.74 -30.37 5.64
N LYS B 336 3.97 -30.39 6.72
CA LYS B 336 2.84 -31.38 6.72
C LYS B 336 1.75 -31.06 5.65
N THR B 337 1.29 -29.82 5.66
CA THR B 337 0.25 -29.40 4.72
C THR B 337 0.61 -29.62 3.24
N LYS B 338 1.82 -29.23 2.86
CA LYS B 338 2.22 -29.37 1.46
C LYS B 338 2.07 -30.82 0.96
N THR B 339 2.47 -31.78 1.79
CA THR B 339 2.35 -33.16 1.38
C THR B 339 0.86 -33.56 1.38
N GLU B 340 0.06 -32.98 2.28
CA GLU B 340 -1.40 -33.21 2.20
C GLU B 340 -2.03 -32.62 0.93
N LEU B 341 -1.36 -31.61 0.36
CA LEU B 341 -1.90 -30.95 -0.82
C LEU B 341 -1.77 -31.85 -2.05
N GLU B 342 -0.62 -32.47 -2.28
CA GLU B 342 -0.58 -33.29 -3.51
C GLU B 342 -1.48 -34.53 -3.40
N GLU B 343 -1.97 -34.79 -2.18
CA GLU B 343 -2.87 -35.94 -1.93
C GLU B 343 -4.26 -35.60 -2.40
N THR B 344 -4.85 -34.53 -1.84
CA THR B 344 -6.12 -34.03 -2.34
C THR B 344 -6.11 -33.90 -3.87
N GLN B 345 -5.04 -33.31 -4.37
CA GLN B 345 -4.90 -33.10 -5.80
C GLN B 345 -4.78 -34.37 -6.64
N ARG B 346 -4.04 -35.38 -6.15
CA ARG B 346 -3.94 -36.64 -6.92
C ARG B 346 -5.38 -37.19 -7.05
N GLU B 347 -6.08 -37.09 -5.92
CA GLU B 347 -7.47 -37.46 -5.76
C GLU B 347 -8.40 -36.77 -6.80
N LEU B 348 -8.34 -35.43 -6.79
CA LEU B 348 -9.27 -34.56 -7.50
C LEU B 348 -9.16 -34.80 -9.00
N ARG B 349 -7.92 -34.94 -9.50
CA ARG B 349 -7.69 -35.30 -10.91
C ARG B 349 -8.53 -36.51 -11.37
N LYS B 350 -8.85 -37.40 -10.43
CA LYS B 350 -9.62 -38.62 -10.72
C LYS B 350 -11.04 -38.33 -11.21
N GLU B 351 -11.86 -37.66 -10.36
CA GLU B 351 -13.25 -37.20 -10.72
C GLU B 351 -13.30 -36.33 -11.98
N GLU B 352 -12.30 -35.47 -12.12
CA GLU B 352 -12.14 -34.66 -13.32
C GLU B 352 -11.96 -35.52 -14.59
N GLU B 353 -11.00 -36.46 -14.58
CA GLU B 353 -10.86 -37.50 -15.64
C GLU B 353 -12.17 -38.30 -15.83
N ALA B 354 -12.77 -38.72 -14.70
CA ALA B 354 -14.09 -39.39 -14.61
C ALA B 354 -15.22 -38.64 -15.33
N LYS B 355 -15.18 -37.31 -15.25
CA LYS B 355 -16.13 -36.49 -15.97
C LYS B 355 -15.57 -35.99 -17.32
N GLY B 356 -14.54 -36.68 -17.83
CA GLY B 356 -13.95 -36.37 -19.15
C GLY B 356 -13.48 -34.92 -19.34
N ILE B 357 -13.13 -34.26 -18.24
CA ILE B 357 -12.61 -32.86 -18.21
C ILE B 357 -11.07 -32.81 -18.33
N SER B 358 -10.54 -32.30 -19.43
CA SER B 358 -9.07 -32.24 -19.57
C SER B 358 -8.41 -31.15 -18.68
N TRP B 359 -8.58 -31.32 -17.36
CA TRP B 359 -8.07 -30.41 -16.31
C TRP B 359 -6.64 -29.92 -16.53
N GLN B 360 -5.88 -30.65 -17.34
CA GLN B 360 -4.48 -30.29 -17.66
C GLN B 360 -4.38 -29.19 -18.71
N ARG B 361 -5.48 -29.03 -19.43
CA ARG B 361 -5.56 -28.16 -20.59
C ARG B 361 -6.97 -27.63 -20.59
N ARG B 362 -7.37 -27.05 -19.46
CA ARG B 362 -8.71 -26.61 -19.21
C ARG B 362 -9.22 -25.48 -20.10
N TRP B 363 -8.47 -24.40 -20.19
CA TRP B 363 -8.92 -23.23 -20.96
C TRP B 363 -7.91 -22.86 -21.98
N PHE B 364 -6.72 -23.43 -21.81
CA PHE B 364 -5.64 -23.20 -22.74
C PHE B 364 -5.13 -24.52 -23.36
N LYS B 365 -4.75 -24.45 -24.64
CA LYS B 365 -4.10 -25.55 -25.38
C LYS B 365 -2.76 -25.04 -25.90
N ASP B 366 -1.82 -25.99 -26.08
CA ASP B 366 -0.47 -25.75 -26.57
C ASP B 366 -0.44 -25.94 -28.07
N PHE B 367 -0.02 -24.91 -28.79
CA PHE B 367 -0.01 -24.90 -30.25
C PHE B 367 1.42 -25.01 -30.71
N ASP B 368 1.67 -25.85 -31.69
CA ASP B 368 3.04 -26.13 -32.10
C ASP B 368 3.27 -25.31 -33.34
N TYR B 369 4.13 -24.31 -33.20
CA TYR B 369 4.45 -23.44 -34.30
C TYR B 369 5.73 -23.84 -35.08
N SER B 370 6.37 -24.97 -34.77
CA SER B 370 7.60 -25.32 -35.54
C SER B 370 7.19 -25.82 -36.91
N VAL B 371 8.12 -25.85 -37.87
CA VAL B 371 7.86 -26.45 -39.19
C VAL B 371 7.75 -27.99 -39.12
N THR B 372 8.12 -28.57 -37.97
CA THR B 372 8.04 -30.02 -37.75
C THR B 372 6.96 -30.43 -36.72
N PRO B 373 5.68 -30.07 -36.99
CA PRO B 373 4.79 -30.38 -35.88
C PRO B 373 4.69 -31.89 -35.69
N GLU B 374 4.67 -32.39 -34.46
CA GLU B 374 4.25 -33.80 -34.25
C GLU B 374 2.93 -33.96 -35.04
N GLU B 375 2.92 -34.86 -36.02
CA GLU B 375 1.79 -35.07 -36.93
C GLU B 375 0.43 -34.53 -36.40
N GLY B 376 -0.03 -35.08 -35.27
CA GLY B 376 -1.37 -34.77 -34.75
C GLY B 376 -1.53 -33.52 -33.88
N ALA B 377 -0.51 -32.67 -33.90
CA ALA B 377 -0.43 -31.53 -32.98
C ALA B 377 -1.36 -30.40 -33.43
N LEU B 378 -1.91 -29.67 -32.46
CA LEU B 378 -2.55 -28.37 -32.70
C LEU B 378 -1.59 -27.46 -33.43
N VAL B 379 -2.01 -26.91 -34.55
CA VAL B 379 -1.15 -25.96 -35.24
C VAL B 379 -1.92 -24.66 -35.43
N PRO B 380 -1.22 -23.55 -35.63
CA PRO B 380 -1.87 -22.25 -35.75
C PRO B 380 -2.62 -22.06 -37.06
N GLU B 381 -3.71 -21.27 -37.00
CA GLU B 381 -4.50 -20.80 -38.16
C GLU B 381 -3.60 -20.02 -39.09
N LYS B 382 -4.02 -19.77 -40.34
CA LYS B 382 -3.06 -19.14 -41.28
C LYS B 382 -2.92 -17.64 -41.00
N ASP B 383 -4.06 -16.99 -40.69
CA ASP B 383 -4.11 -15.56 -40.32
C ASP B 383 -3.60 -15.26 -38.89
N ASP B 384 -2.58 -15.94 -38.39
CA ASP B 384 -2.41 -16.03 -36.92
C ASP B 384 -1.82 -14.74 -36.44
N THR B 385 -2.39 -14.16 -35.38
CA THR B 385 -1.94 -12.85 -34.92
C THR B 385 -0.48 -12.91 -34.47
N PHE B 386 -0.15 -13.94 -33.69
CA PHE B 386 1.18 -13.97 -33.16
C PHE B 386 2.20 -14.02 -34.30
N LEU B 387 1.90 -14.81 -35.34
CA LEU B 387 2.85 -14.98 -36.42
C LEU B 387 3.04 -13.65 -37.15
N LYS B 388 1.95 -12.93 -37.39
CA LYS B 388 2.14 -11.70 -38.16
C LYS B 388 2.79 -10.62 -37.28
N LEU B 389 2.46 -10.59 -35.99
CA LEU B 389 3.15 -9.56 -35.16
C LEU B 389 4.63 -9.90 -34.99
N ALA B 390 4.90 -11.18 -34.75
CA ALA B 390 6.29 -11.68 -34.61
C ALA B 390 7.17 -11.25 -35.83
N SER B 391 6.55 -11.42 -37.00
CA SER B 391 7.18 -11.11 -38.22
C SER B 391 7.42 -9.60 -38.36
N ALA B 392 6.42 -8.74 -38.12
CA ALA B 392 6.65 -7.27 -38.08
C ALA B 392 7.86 -6.90 -37.22
N LEU B 393 7.99 -7.54 -36.06
CA LEU B 393 9.07 -7.22 -35.07
C LEU B 393 10.42 -7.93 -35.33
N ASN B 394 10.37 -8.93 -36.23
CA ASN B 394 11.46 -9.87 -36.44
C ASN B 394 11.70 -10.66 -35.16
N LEU B 395 10.63 -11.06 -34.48
CA LEU B 395 10.75 -11.75 -33.19
C LEU B 395 10.87 -13.24 -33.46
N SER B 396 11.79 -13.92 -32.78
CA SER B 396 11.87 -15.39 -32.84
C SER B 396 10.53 -15.99 -32.37
N THR B 397 10.05 -17.02 -33.08
CA THR B 397 8.78 -17.71 -32.77
C THR B 397 9.04 -19.00 -32.02
N LYS B 398 10.29 -19.18 -31.61
CA LYS B 398 10.73 -20.37 -30.82
C LYS B 398 10.58 -20.12 -29.32
N ASN B 399 10.82 -21.16 -28.52
CA ASN B 399 10.81 -21.00 -27.11
C ASN B 399 12.13 -20.41 -26.61
N ALA B 400 12.53 -19.28 -27.20
CA ALA B 400 13.69 -18.53 -26.73
C ALA B 400 13.22 -17.57 -25.59
N PRO B 401 14.15 -17.06 -24.75
CA PRO B 401 13.73 -16.10 -23.72
C PRO B 401 12.84 -14.97 -24.39
N SER B 402 11.90 -14.37 -23.62
CA SER B 402 11.00 -13.38 -24.16
C SER B 402 11.83 -12.30 -24.84
N GLY B 403 11.43 -11.89 -26.05
CA GLY B 403 12.03 -10.75 -26.73
C GLY B 403 13.16 -11.15 -27.68
N THR B 404 13.55 -12.43 -27.69
CA THR B 404 14.66 -12.90 -28.59
C THR B 404 14.31 -12.61 -30.12
N LEU B 405 15.22 -11.96 -30.88
CA LEU B 405 14.97 -11.59 -32.26
C LEU B 405 15.53 -12.76 -33.12
N VAL B 406 14.98 -12.91 -34.33
CA VAL B 406 15.40 -13.93 -35.30
C VAL B 406 16.94 -13.78 -35.44
N GLY B 407 17.70 -14.82 -35.15
CA GLY B 407 19.11 -14.74 -35.43
C GLY B 407 19.94 -14.47 -34.20
N ASP B 408 19.31 -14.08 -33.10
CA ASP B 408 20.05 -14.05 -31.85
C ASP B 408 20.54 -15.42 -31.49
N LYS B 409 21.35 -15.53 -30.42
CA LYS B 409 21.97 -16.82 -30.05
C LYS B 409 20.91 -17.87 -29.72
N GLU B 410 20.05 -17.58 -28.73
CA GLU B 410 18.92 -18.51 -28.39
C GLU B 410 17.97 -18.87 -29.54
N ASP B 411 17.93 -18.12 -30.63
CA ASP B 411 17.10 -18.53 -31.72
C ASP B 411 17.80 -19.54 -32.66
N ARG B 412 19.13 -19.60 -32.56
CA ARG B 412 19.95 -20.35 -33.48
C ARG B 412 20.12 -21.78 -32.99
N LYS B 413 19.89 -22.01 -31.69
CA LYS B 413 19.74 -23.36 -31.11
C LYS B 413 19.03 -24.39 -31.98
N GLU B 414 19.76 -25.49 -32.24
CA GLU B 414 19.27 -26.61 -33.04
C GLU B 414 18.17 -27.25 -32.20
N ASP B 415 17.07 -27.62 -32.85
CA ASP B 415 15.98 -28.42 -32.24
C ASP B 415 15.24 -27.84 -30.99
N LEU B 416 15.40 -26.55 -30.72
CA LEU B 416 14.57 -25.83 -29.73
C LEU B 416 13.07 -25.85 -30.16
N SER B 417 12.12 -26.17 -29.26
CA SER B 417 10.68 -26.15 -29.63
C SER B 417 10.08 -24.76 -29.86
N SER B 418 8.83 -24.77 -30.34
CA SER B 418 8.04 -23.58 -30.54
C SER B 418 6.59 -23.86 -30.12
N ILE B 419 6.40 -24.39 -28.92
CA ILE B 419 5.05 -24.63 -28.43
C ILE B 419 4.70 -23.37 -27.60
N HIS B 420 3.53 -22.80 -27.86
CA HIS B 420 2.99 -21.67 -27.06
C HIS B 420 1.56 -21.96 -26.66
N TRP B 421 1.13 -21.41 -25.53
CA TRP B 421 -0.23 -21.61 -25.00
C TRP B 421 -1.12 -20.53 -25.51
N ARG B 422 -2.37 -20.91 -25.82
CA ARG B 422 -3.39 -20.03 -26.40
C ARG B 422 -4.70 -20.28 -25.67
N PHE B 423 -5.35 -19.20 -25.27
CA PHE B 423 -6.67 -19.23 -24.67
C PHE B 423 -7.74 -19.76 -25.66
N GLN B 424 -8.62 -20.65 -25.19
CA GLN B 424 -9.79 -21.06 -26.00
C GLN B 424 -11.04 -20.56 -25.28
N ARG B 425 -11.64 -19.49 -25.80
CA ARG B 425 -12.75 -18.85 -25.12
C ARG B 425 -13.94 -19.84 -24.92
N GLU B 426 -14.20 -20.67 -25.94
CA GLU B 426 -15.19 -21.79 -25.89
C GLU B 426 -15.14 -22.59 -24.60
N LEU B 427 -13.94 -23.05 -24.25
CA LEU B 427 -13.76 -23.87 -23.01
C LEU B 427 -14.23 -23.13 -21.78
N TRP B 428 -14.08 -21.81 -21.80
CA TRP B 428 -14.63 -21.03 -20.71
C TRP B 428 -16.11 -20.92 -20.84
N ASP B 429 -16.62 -20.82 -22.08
CA ASP B 429 -18.05 -20.63 -22.24
C ASP B 429 -18.72 -21.91 -21.83
N GLU B 430 -18.05 -23.05 -22.10
CA GLU B 430 -18.61 -24.34 -21.75
C GLU B 430 -18.30 -24.82 -20.36
N GLU B 431 -17.66 -24.00 -19.55
CA GLU B 431 -17.16 -24.40 -18.23
C GLU B 431 -18.27 -24.85 -17.29
N LYS B 432 -18.15 -26.06 -16.75
CA LYS B 432 -19.23 -26.61 -15.91
C LYS B 432 -19.10 -26.41 -14.34
N GLU B 433 -17.89 -26.42 -13.76
CA GLU B 433 -17.83 -26.22 -12.30
C GLU B 433 -17.40 -24.83 -11.78
N ILE B 434 -16.37 -24.26 -12.40
CA ILE B 434 -15.79 -23.02 -11.89
C ILE B 434 -16.69 -21.85 -12.20
N VAL B 435 -16.94 -20.99 -11.24
CA VAL B 435 -17.68 -19.72 -11.53
C VAL B 435 -16.94 -18.50 -10.97
N LEU B 436 -17.46 -17.31 -11.25
CA LEU B 436 -16.89 -16.06 -10.71
C LEU B 436 -17.79 -15.55 -9.61
#